data_6EBV
#
_entry.id   6EBV
#
_cell.length_a   72.800
_cell.length_b   56.720
_cell.length_c   133.620
_cell.angle_alpha   90.000
_cell.angle_beta   99.810
_cell.angle_gamma   90.000
#
_symmetry.space_group_name_H-M   'P 1 21 1'
#
loop_
_entity.id
_entity.type
_entity.pdbx_description
1 polymer 'Type II pantothenate kinase'
2 non-polymer "ADENOSINE-5'-DIPHOSPHATE"
3 non-polymer N-heptyl-N~3~-[(2R)-2-hydroxy-3,3-dimethyl-4-(phosphonooxy)butanoyl]-beta-alaninamide
4 water water
#
_entity_poly.entity_id   1
_entity_poly.type   'polypeptide(L)'
_entity_poly.pdbx_seq_one_letter_code
;MKVGIDAGGTLIKIVQEQDNQRTFKTELTKNIDQVVEWLNQQQIEKLCLTGGNAGVIAENINIPAQIFVEFDAASQGLGI
LLKEQGHDLADYIFANVGTGTSLHYFDGQSQRRVGGIGTGGGMIQGLGYLLSQITDYKQLTDMAQHGDRNTIDLKVRHIY
KDTEPPIPGDLTAANFGHVLHHLDADFTPSNKLAAVIGVVGEVVTTMAITVAREFKTENIVYIGSSFHNNALLRKVVEDY
TVLRGCKPYYVENGAFSGAIGALYLEK
;
_entity_poly.pdbx_strand_id   A,B,C,D
#
loop_
_chem_comp.id
_chem_comp.type
_chem_comp.name
_chem_comp.formula
27Q non-polymer N-heptyl-N~3~-[(2R)-2-hydroxy-3,3-dimethyl-4-(phosphonooxy)butanoyl]-beta-alaninamide 'C16 H33 N2 O7 P'
ADP non-polymer ADENOSINE-5'-DIPHOSPHATE 'C10 H15 N5 O10 P2'
#
# COMPACT_ATOMS: atom_id res chain seq x y z
N MET A 1 11.21 -29.38 -2.49
CA MET A 1 9.87 -28.79 -2.47
C MET A 1 9.19 -28.87 -1.07
N LYS A 2 9.10 -27.72 -0.37
CA LYS A 2 8.48 -27.59 0.95
C LYS A 2 7.12 -26.90 0.79
N VAL A 3 6.03 -27.48 1.37
CA VAL A 3 4.66 -26.98 1.17
C VAL A 3 3.89 -26.69 2.49
N GLY A 4 3.23 -25.53 2.51
CA GLY A 4 2.39 -25.06 3.61
C GLY A 4 0.96 -24.91 3.17
N ILE A 5 0.01 -25.44 3.94
CA ILE A 5 -1.41 -25.39 3.60
C ILE A 5 -2.27 -24.88 4.76
N ASP A 6 -3.03 -23.79 4.50
CA ASP A 6 -4.00 -23.25 5.43
C ASP A 6 -5.36 -23.63 4.85
N ALA A 7 -5.95 -24.70 5.38
CA ALA A 7 -7.25 -25.16 4.89
C ALA A 7 -8.34 -24.59 5.79
N GLY A 8 -8.91 -23.47 5.39
CA GLY A 8 -9.94 -22.79 6.15
C GLY A 8 -11.34 -23.32 5.91
N GLY A 9 -12.33 -22.54 6.36
CA GLY A 9 -13.74 -22.88 6.19
C GLY A 9 -14.24 -22.73 4.76
N THR A 10 -13.63 -21.81 4.00
CA THR A 10 -14.03 -21.52 2.61
C THR A 10 -12.91 -21.79 1.60
N LEU A 11 -11.68 -21.32 1.90
CA LEU A 11 -10.57 -21.49 0.97
C LEU A 11 -9.35 -22.22 1.54
N ILE A 12 -8.63 -22.93 0.66
CA ILE A 12 -7.42 -23.67 0.98
C ILE A 12 -6.27 -22.87 0.37
N LYS A 13 -5.34 -22.40 1.20
CA LYS A 13 -4.22 -21.62 0.72
C LYS A 13 -2.99 -22.46 0.70
N ILE A 14 -2.47 -22.70 -0.47
CA ILE A 14 -1.28 -23.50 -0.63
C ILE A 14 -0.16 -22.54 -1.02
N VAL A 15 1.00 -22.68 -0.38
CA VAL A 15 2.20 -21.91 -0.70
C VAL A 15 3.27 -22.95 -0.89
N GLN A 16 3.61 -23.30 -2.14
CA GLN A 16 4.72 -24.24 -2.29
C GLN A 16 6.00 -23.45 -2.51
N GLU A 17 7.10 -23.97 -1.95
CA GLU A 17 8.41 -23.35 -2.00
C GLU A 17 9.46 -24.33 -2.54
N GLN A 18 10.12 -23.90 -3.62
CA GLN A 18 11.23 -24.60 -4.26
C GLN A 18 12.30 -23.52 -4.54
N ASP A 19 13.43 -23.60 -3.82
CA ASP A 19 14.61 -22.74 -3.91
C ASP A 19 14.32 -21.22 -4.10
N ASN A 20 13.93 -20.52 -3.02
CA ASN A 20 13.67 -19.07 -2.90
C ASN A 20 12.63 -18.48 -3.91
N GLN A 21 11.94 -19.33 -4.72
CA GLN A 21 10.83 -18.86 -5.57
C GLN A 21 9.58 -19.53 -5.08
N ARG A 22 8.51 -18.77 -4.92
CA ARG A 22 7.26 -19.23 -4.33
C ARG A 22 6.10 -19.41 -5.30
N THR A 23 5.06 -20.12 -4.82
CA THR A 23 3.81 -20.35 -5.55
C THR A 23 2.62 -20.13 -4.64
N PHE A 24 1.63 -19.37 -5.10
CA PHE A 24 0.48 -19.11 -4.25
C PHE A 24 -0.79 -19.63 -4.85
N LYS A 25 -1.15 -20.81 -4.38
CA LYS A 25 -2.30 -21.52 -4.86
C LYS A 25 -3.50 -21.30 -4.00
N THR A 26 -4.66 -21.18 -4.66
CA THR A 26 -5.98 -21.14 -4.04
C THR A 26 -6.86 -22.23 -4.68
N GLU A 27 -7.42 -23.04 -3.83
CA GLU A 27 -8.42 -24.02 -4.19
C GLU A 27 -9.48 -23.97 -3.09
N LEU A 28 -10.75 -24.10 -3.46
CA LEU A 28 -11.87 -24.08 -2.52
C LEU A 28 -11.80 -25.21 -1.50
N THR A 29 -12.39 -24.98 -0.29
CA THR A 29 -12.53 -26.00 0.78
C THR A 29 -13.55 -27.03 0.27
N LYS A 30 -14.49 -26.57 -0.59
CA LYS A 30 -15.50 -27.36 -1.28
C LYS A 30 -14.79 -28.52 -2.03
N ASN A 31 -13.61 -28.23 -2.68
CA ASN A 31 -12.83 -29.20 -3.45
C ASN A 31 -11.55 -29.63 -2.72
N ILE A 32 -11.69 -30.00 -1.45
CA ILE A 32 -10.58 -30.48 -0.60
C ILE A 32 -10.04 -31.84 -1.11
N ASP A 33 -10.92 -32.71 -1.64
CA ASP A 33 -10.59 -34.04 -2.17
C ASP A 33 -9.54 -33.95 -3.28
N GLN A 34 -9.66 -32.92 -4.14
CA GLN A 34 -8.74 -32.63 -5.26
C GLN A 34 -7.38 -32.17 -4.75
N VAL A 35 -7.33 -31.47 -3.60
CA VAL A 35 -6.12 -30.95 -2.94
C VAL A 35 -5.29 -32.12 -2.37
N VAL A 36 -5.99 -33.11 -1.82
CA VAL A 36 -5.37 -34.32 -1.26
C VAL A 36 -4.80 -35.21 -2.41
N GLU A 37 -5.57 -35.33 -3.50
CA GLU A 37 -5.25 -36.08 -4.71
C GLU A 37 -3.90 -35.58 -5.29
N TRP A 38 -3.78 -34.23 -5.41
CA TRP A 38 -2.62 -33.47 -5.90
C TRP A 38 -1.40 -33.67 -5.01
N LEU A 39 -1.59 -33.48 -3.69
CA LEU A 39 -0.53 -33.61 -2.67
C LEU A 39 0.08 -35.00 -2.66
N ASN A 40 -0.76 -36.04 -2.86
CA ASN A 40 -0.34 -37.45 -2.89
C ASN A 40 0.58 -37.73 -4.09
N GLN A 41 0.38 -36.98 -5.21
CA GLN A 41 1.13 -36.98 -6.48
C GLN A 41 2.28 -35.90 -6.47
N GLN A 42 2.58 -35.30 -5.29
CA GLN A 42 3.62 -34.27 -5.13
C GLN A 42 4.81 -34.70 -4.25
N GLN A 43 6.07 -34.41 -4.71
CA GLN A 43 7.33 -34.75 -4.03
C GLN A 43 7.74 -33.66 -3.01
N ILE A 44 7.16 -33.81 -1.80
CA ILE A 44 7.28 -32.88 -0.68
C ILE A 44 8.32 -33.32 0.38
N GLU A 45 9.39 -32.53 0.53
CA GLU A 45 10.46 -32.75 1.49
C GLU A 45 9.91 -32.51 2.91
N LYS A 46 9.12 -31.43 3.06
CA LYS A 46 8.49 -31.04 4.32
C LYS A 46 7.09 -30.44 4.11
N LEU A 47 6.08 -31.00 4.82
CA LEU A 47 4.67 -30.59 4.77
C LEU A 47 4.25 -30.01 6.11
N CYS A 48 3.59 -28.86 6.07
CA CYS A 48 3.09 -28.16 7.25
C CYS A 48 1.65 -27.76 7.01
N LEU A 49 0.77 -28.04 7.98
CA LEU A 49 -0.66 -27.79 7.91
C LEU A 49 -1.13 -26.88 9.02
N THR A 50 -2.21 -26.14 8.75
CA THR A 50 -2.86 -25.19 9.68
C THR A 50 -4.33 -24.91 9.26
N GLY A 51 -5.12 -24.37 10.20
CA GLY A 51 -6.52 -24.02 9.94
C GLY A 51 -7.51 -25.14 10.17
N GLY A 52 -8.78 -24.83 9.95
CA GLY A 52 -9.90 -25.74 10.19
C GLY A 52 -9.80 -27.15 9.65
N ASN A 53 -9.81 -27.27 8.32
CA ASN A 53 -9.78 -28.54 7.60
C ASN A 53 -8.37 -29.14 7.41
N ALA A 54 -7.39 -28.70 8.23
CA ALA A 54 -6.02 -29.22 8.19
C ALA A 54 -5.97 -30.72 8.56
N GLY A 55 -6.83 -31.12 9.48
CA GLY A 55 -6.93 -32.50 9.94
C GLY A 55 -7.42 -33.43 8.85
N VAL A 56 -8.40 -32.94 8.05
CA VAL A 56 -9.04 -33.64 6.92
C VAL A 56 -7.98 -34.10 5.94
N ILE A 57 -7.08 -33.17 5.55
CA ILE A 57 -5.98 -33.42 4.64
C ILE A 57 -5.02 -34.44 5.25
N ALA A 58 -4.62 -34.22 6.51
CA ALA A 58 -3.70 -35.06 7.27
C ALA A 58 -4.16 -36.52 7.34
N GLU A 59 -5.49 -36.74 7.51
CA GLU A 59 -6.11 -38.06 7.60
C GLU A 59 -6.04 -38.81 6.27
N ASN A 60 -6.46 -38.16 5.18
CA ASN A 60 -6.54 -38.73 3.83
C ASN A 60 -5.21 -38.71 3.02
N ILE A 61 -4.12 -38.16 3.61
CA ILE A 61 -2.81 -38.08 2.95
C ILE A 61 -1.94 -39.29 3.30
N ASN A 62 -1.09 -39.71 2.35
CA ASN A 62 -0.20 -40.85 2.50
C ASN A 62 1.28 -40.41 2.71
N ILE A 63 1.46 -39.24 3.35
CA ILE A 63 2.75 -38.58 3.66
C ILE A 63 2.62 -37.94 5.07
N PRO A 64 3.61 -38.03 5.99
CA PRO A 64 3.47 -37.33 7.29
C PRO A 64 3.46 -35.80 7.12
N ALA A 65 2.82 -35.11 8.06
CA ALA A 65 2.72 -33.64 8.02
C ALA A 65 2.59 -33.02 9.40
N GLN A 66 3.36 -31.95 9.65
CA GLN A 66 3.33 -31.20 10.92
C GLN A 66 2.10 -30.30 10.99
N ILE A 67 1.33 -30.36 12.09
CA ILE A 67 0.13 -29.54 12.24
C ILE A 67 0.38 -28.43 13.25
N PHE A 68 0.01 -27.20 12.86
CA PHE A 68 0.21 -26.01 13.68
C PHE A 68 -1.11 -25.29 13.91
N VAL A 69 -1.18 -24.53 15.03
CA VAL A 69 -2.34 -23.69 15.42
C VAL A 69 -2.35 -22.46 14.45
N GLU A 70 -3.48 -22.24 13.73
CA GLU A 70 -3.60 -21.14 12.76
C GLU A 70 -3.27 -19.78 13.36
N PHE A 71 -3.63 -19.54 14.62
CA PHE A 71 -3.37 -18.30 15.37
C PHE A 71 -1.86 -17.99 15.42
N ASP A 72 -1.05 -19.02 15.60
CA ASP A 72 0.38 -18.83 15.64
C ASP A 72 1.00 -18.76 14.22
N ALA A 73 0.49 -19.61 13.28
CA ALA A 73 0.95 -19.67 11.89
C ALA A 73 0.71 -18.35 11.20
N ALA A 74 -0.54 -17.83 11.22
CA ALA A 74 -0.92 -16.53 10.64
C ALA A 74 0.10 -15.45 11.05
N SER A 75 0.37 -15.33 12.37
CA SER A 75 1.27 -14.36 12.93
C SER A 75 2.66 -14.48 12.30
N GLN A 76 3.17 -15.73 12.19
CA GLN A 76 4.49 -16.06 11.61
C GLN A 76 4.64 -15.62 10.17
N GLY A 77 3.78 -16.17 9.28
CA GLY A 77 3.74 -15.88 7.84
C GLY A 77 3.58 -14.41 7.59
N LEU A 78 2.70 -13.74 8.38
CA LEU A 78 2.47 -12.28 8.30
C LEU A 78 3.73 -11.45 8.49
N GLY A 79 4.50 -11.69 9.57
CA GLY A 79 5.77 -11.03 9.85
C GLY A 79 6.85 -11.24 8.78
N ILE A 80 6.91 -12.49 8.20
CA ILE A 80 7.81 -12.80 7.07
C ILE A 80 7.45 -11.83 5.94
N LEU A 81 6.18 -11.86 5.48
CA LEU A 81 5.62 -10.98 4.45
C LEU A 81 5.80 -9.48 4.78
N LEU A 82 5.49 -9.06 6.04
CA LEU A 82 5.61 -7.68 6.49
C LEU A 82 7.01 -7.16 6.28
N LYS A 83 8.01 -7.87 6.85
CA LYS A 83 9.42 -7.51 6.75
C LYS A 83 9.87 -7.42 5.29
N GLU A 84 9.58 -8.48 4.49
CA GLU A 84 9.90 -8.64 3.07
C GLU A 84 9.45 -7.44 2.25
N GLN A 85 8.24 -6.93 2.54
CA GLN A 85 7.61 -5.78 1.88
C GLN A 85 8.01 -4.41 2.50
N GLY A 86 9.02 -4.42 3.36
CA GLY A 86 9.56 -3.21 3.97
C GLY A 86 8.79 -2.60 5.12
N HIS A 87 8.01 -3.43 5.85
CA HIS A 87 7.26 -3.01 7.02
C HIS A 87 7.98 -3.52 8.27
N ASP A 88 8.57 -2.60 9.03
CA ASP A 88 9.28 -2.94 10.27
C ASP A 88 8.45 -2.35 11.42
N LEU A 89 7.30 -2.98 11.71
CA LEU A 89 6.37 -2.51 12.75
C LEU A 89 6.67 -3.15 14.09
N ALA A 90 6.97 -2.32 15.11
CA ALA A 90 7.32 -2.76 16.46
C ALA A 90 6.24 -3.63 17.09
N ASP A 91 5.00 -3.13 17.00
CA ASP A 91 3.73 -3.71 17.47
C ASP A 91 2.63 -3.44 16.43
N TYR A 92 1.60 -4.27 16.41
CA TYR A 92 0.54 -4.17 15.42
C TYR A 92 -0.65 -5.10 15.77
N ILE A 93 -1.89 -4.58 15.62
CA ILE A 93 -3.10 -5.37 15.75
C ILE A 93 -3.26 -6.01 14.36
N PHE A 94 -3.50 -7.32 14.28
CA PHE A 94 -3.75 -7.90 12.97
C PHE A 94 -5.10 -8.57 12.94
N ALA A 95 -5.89 -8.23 11.92
CA ALA A 95 -7.22 -8.76 11.72
C ALA A 95 -7.19 -9.78 10.61
N ASN A 96 -7.42 -11.07 10.92
CA ASN A 96 -7.49 -12.09 9.88
C ASN A 96 -8.98 -12.26 9.49
N VAL A 97 -9.40 -11.48 8.48
CA VAL A 97 -10.76 -11.40 7.93
C VAL A 97 -11.00 -12.52 6.86
N GLY A 98 -11.34 -13.71 7.34
CA GLY A 98 -11.64 -14.86 6.51
C GLY A 98 -13.13 -15.11 6.48
N THR A 99 -13.59 -16.38 6.50
CA THR A 99 -15.04 -16.73 6.55
C THR A 99 -15.64 -15.95 7.74
N GLY A 100 -14.88 -15.93 8.85
CA GLY A 100 -15.15 -15.17 10.06
C GLY A 100 -13.91 -14.37 10.41
N THR A 101 -14.03 -13.39 11.33
CA THR A 101 -12.91 -12.54 11.72
C THR A 101 -12.33 -12.94 13.08
N SER A 102 -11.02 -12.89 13.23
CA SER A 102 -10.26 -13.16 14.46
C SER A 102 -9.33 -11.95 14.68
N LEU A 103 -9.21 -11.50 15.90
CA LEU A 103 -8.39 -10.34 16.15
C LEU A 103 -7.28 -10.64 17.09
N HIS A 104 -6.06 -10.28 16.67
CA HIS A 104 -4.83 -10.54 17.38
C HIS A 104 -4.06 -9.30 17.70
N TYR A 105 -3.10 -9.44 18.64
CA TYR A 105 -2.14 -8.40 19.01
C TYR A 105 -0.73 -8.97 19.01
N PHE A 106 0.20 -8.31 18.29
CA PHE A 106 1.62 -8.70 18.21
C PHE A 106 2.51 -7.66 18.93
N ASP A 107 3.23 -8.09 19.99
CA ASP A 107 4.08 -7.20 20.81
C ASP A 107 5.59 -7.24 20.48
N GLY A 108 5.92 -7.44 19.20
CA GLY A 108 7.29 -7.51 18.68
C GLY A 108 8.05 -8.78 19.02
N GLN A 109 7.28 -9.84 19.34
CA GLN A 109 7.80 -11.12 19.82
C GLN A 109 6.81 -12.21 19.44
N SER A 110 5.59 -12.11 19.94
CA SER A 110 4.55 -13.07 19.70
C SER A 110 3.17 -12.42 19.62
N GLN A 111 2.16 -13.19 19.20
CA GLN A 111 0.77 -12.76 19.10
C GLN A 111 -0.07 -13.22 20.29
N ARG A 112 -1.29 -12.64 20.40
CA ARG A 112 -2.30 -12.95 21.41
C ARG A 112 -3.67 -12.64 20.81
N ARG A 113 -4.55 -13.64 20.79
CA ARG A 113 -5.92 -13.47 20.35
C ARG A 113 -6.56 -12.51 21.39
N VAL A 114 -7.02 -11.37 20.94
CA VAL A 114 -7.60 -10.39 21.87
C VAL A 114 -9.10 -10.19 21.59
N GLY A 115 -9.57 -10.77 20.47
CA GLY A 115 -10.96 -10.72 20.07
C GLY A 115 -11.26 -11.59 18.86
N GLY A 116 -12.52 -11.54 18.44
CA GLY A 116 -13.06 -12.22 17.28
C GLY A 116 -14.49 -11.81 17.05
N ILE A 117 -14.97 -11.99 15.84
CA ILE A 117 -16.35 -11.63 15.50
C ILE A 117 -16.82 -12.51 14.34
N GLY A 118 -18.14 -12.71 14.22
CA GLY A 118 -18.70 -13.50 13.13
C GLY A 118 -19.03 -12.70 11.88
N THR A 119 -18.45 -11.50 11.76
CA THR A 119 -18.68 -10.60 10.62
C THR A 119 -17.46 -10.60 9.70
N GLY A 120 -17.40 -11.58 8.80
CA GLY A 120 -16.32 -11.72 7.82
C GLY A 120 -16.87 -11.88 6.42
N GLY A 121 -16.11 -12.61 5.59
CA GLY A 121 -16.43 -12.93 4.19
C GLY A 121 -17.62 -13.87 4.09
N GLY A 122 -17.75 -14.77 5.06
CA GLY A 122 -18.86 -15.72 5.16
C GLY A 122 -20.19 -15.01 5.27
N MET A 123 -20.19 -13.84 5.89
CA MET A 123 -21.37 -13.01 6.03
C MET A 123 -21.65 -12.30 4.71
N ILE A 124 -20.57 -11.87 4.00
CA ILE A 124 -20.68 -11.17 2.71
C ILE A 124 -21.33 -12.13 1.72
N GLN A 125 -20.89 -13.39 1.75
CA GLN A 125 -21.38 -14.49 0.91
C GLN A 125 -22.80 -14.95 1.31
N GLY A 126 -23.02 -15.13 2.63
CA GLY A 126 -24.27 -15.61 3.20
C GLY A 126 -25.43 -14.66 3.11
N LEU A 127 -25.31 -13.48 3.79
CA LEU A 127 -26.32 -12.42 3.76
C LEU A 127 -26.43 -11.84 2.31
N GLY A 128 -25.30 -11.90 1.56
CA GLY A 128 -25.22 -11.47 0.17
C GLY A 128 -26.17 -12.26 -0.69
N TYR A 129 -26.17 -13.60 -0.53
CA TYR A 129 -27.10 -14.49 -1.23
C TYR A 129 -28.56 -14.21 -0.82
N LEU A 130 -28.86 -14.07 0.50
CA LEU A 130 -30.24 -13.81 0.92
C LEU A 130 -30.77 -12.50 0.41
N LEU A 131 -29.88 -11.56 0.16
CA LEU A 131 -30.32 -10.28 -0.36
C LEU A 131 -30.21 -10.16 -1.89
N SER A 132 -29.67 -11.18 -2.64
CA SER A 132 -29.48 -11.00 -4.10
C SER A 132 -29.55 -12.26 -4.98
N GLN A 133 -29.69 -13.43 -4.33
CA GLN A 133 -29.72 -14.79 -4.89
C GLN A 133 -28.53 -15.01 -5.84
N ILE A 134 -27.41 -14.30 -5.56
CA ILE A 134 -26.13 -14.42 -6.25
C ILE A 134 -25.22 -15.35 -5.43
N THR A 135 -24.77 -16.47 -6.02
CA THR A 135 -23.91 -17.47 -5.38
C THR A 135 -22.47 -17.32 -5.81
N ASP A 136 -22.24 -16.74 -7.02
CA ASP A 136 -20.89 -16.52 -7.56
C ASP A 136 -20.21 -15.39 -6.81
N TYR A 137 -19.04 -15.70 -6.19
CA TYR A 137 -18.26 -14.77 -5.38
C TYR A 137 -17.90 -13.47 -6.12
N LYS A 138 -17.17 -13.58 -7.27
CA LYS A 138 -16.74 -12.48 -8.16
C LYS A 138 -17.94 -11.55 -8.47
N GLN A 139 -19.02 -12.15 -8.97
CA GLN A 139 -20.29 -11.53 -9.36
C GLN A 139 -20.87 -10.74 -8.20
N LEU A 140 -20.90 -11.35 -7.00
CA LEU A 140 -21.44 -10.75 -5.78
C LEU A 140 -20.60 -9.55 -5.38
N THR A 141 -19.28 -9.70 -5.43
CA THR A 141 -18.31 -8.67 -5.08
C THR A 141 -18.18 -7.52 -6.05
N ASP A 142 -18.38 -7.78 -7.34
CA ASP A 142 -18.29 -6.76 -8.38
C ASP A 142 -19.55 -5.94 -8.46
N MET A 143 -20.71 -6.53 -8.16
CA MET A 143 -21.99 -5.83 -8.20
C MET A 143 -22.04 -4.79 -7.08
N ALA A 144 -21.52 -5.16 -5.91
CA ALA A 144 -21.49 -4.33 -4.72
C ALA A 144 -20.75 -3.03 -4.92
N GLN A 145 -19.65 -3.06 -5.71
CA GLN A 145 -18.75 -1.92 -5.97
C GLN A 145 -19.50 -0.71 -6.47
N HIS A 146 -20.47 -0.90 -7.39
CA HIS A 146 -21.26 0.22 -7.92
C HIS A 146 -22.64 0.37 -7.21
N GLY A 147 -22.65 0.09 -5.90
CA GLY A 147 -23.82 0.20 -5.04
C GLY A 147 -23.77 1.39 -4.10
N ASP A 148 -24.93 2.05 -3.91
CA ASP A 148 -25.15 3.22 -3.07
C ASP A 148 -25.79 2.82 -1.75
N ARG A 149 -25.28 3.33 -0.63
CA ARG A 149 -25.85 2.97 0.67
C ARG A 149 -26.71 4.08 1.31
N ASN A 150 -26.81 5.29 0.72
CA ASN A 150 -27.62 6.42 1.21
C ASN A 150 -29.06 6.07 1.60
N THR A 151 -29.77 5.30 0.76
CA THR A 151 -31.14 4.90 1.03
C THR A 151 -31.21 3.78 2.07
N ILE A 152 -30.07 3.09 2.33
CA ILE A 152 -30.01 1.96 3.26
C ILE A 152 -29.43 2.35 4.63
N ASP A 153 -28.19 2.83 4.73
CA ASP A 153 -27.57 3.19 6.00
C ASP A 153 -27.97 4.56 6.51
N LEU A 154 -28.08 4.67 7.84
CA LEU A 154 -28.43 5.89 8.57
C LEU A 154 -27.17 6.46 9.17
N LYS A 155 -26.99 7.78 9.00
CA LYS A 155 -25.83 8.55 9.48
C LYS A 155 -26.21 9.33 10.72
N VAL A 156 -25.22 9.70 11.54
CA VAL A 156 -25.39 10.49 12.77
C VAL A 156 -26.18 11.82 12.47
N ARG A 157 -25.80 12.54 11.38
CA ARG A 157 -26.46 13.78 10.96
C ARG A 157 -27.94 13.62 10.66
N HIS A 158 -28.40 12.39 10.25
CA HIS A 158 -29.81 12.12 9.94
C HIS A 158 -30.65 12.13 11.20
N ILE A 159 -30.05 11.70 12.33
CA ILE A 159 -30.71 11.65 13.64
C ILE A 159 -30.68 13.05 14.27
N TYR A 160 -29.50 13.65 14.31
CA TYR A 160 -29.29 14.96 14.90
C TYR A 160 -29.81 16.12 14.07
N LYS A 161 -30.18 15.89 12.79
CA LYS A 161 -30.73 16.91 11.90
C LYS A 161 -29.85 18.18 11.92
N ASP A 162 -30.46 19.34 12.19
CA ASP A 162 -29.76 20.63 12.25
C ASP A 162 -28.85 20.76 13.49
N THR A 163 -29.27 20.14 14.63
CA THR A 163 -28.57 20.10 15.93
C THR A 163 -27.13 19.59 15.75
N GLU A 164 -26.17 20.20 16.48
CA GLU A 164 -24.76 19.80 16.44
C GLU A 164 -24.61 18.41 17.09
N PRO A 165 -24.16 17.36 16.34
CA PRO A 165 -24.01 16.03 16.92
C PRO A 165 -22.83 15.90 17.91
N PRO A 166 -22.86 14.94 18.88
CA PRO A 166 -21.74 14.82 19.82
C PRO A 166 -20.56 13.99 19.30
N ILE A 167 -20.68 13.43 18.09
CA ILE A 167 -19.66 12.67 17.37
C ILE A 167 -19.80 13.07 15.87
N PRO A 168 -18.78 12.92 14.97
CA PRO A 168 -18.95 13.36 13.56
C PRO A 168 -20.25 12.91 12.89
N GLY A 169 -21.00 13.87 12.36
CA GLY A 169 -22.30 13.64 11.71
C GLY A 169 -22.27 12.79 10.46
N ASP A 170 -21.12 12.72 9.79
CA ASP A 170 -20.94 11.91 8.58
C ASP A 170 -20.90 10.40 8.90
N LEU A 171 -20.57 10.05 10.16
CA LEU A 171 -20.43 8.68 10.65
C LEU A 171 -21.69 7.91 10.50
N THR A 172 -21.59 6.56 10.34
CA THR A 172 -22.76 5.67 10.28
C THR A 172 -23.32 5.51 11.70
N ALA A 173 -24.57 5.92 11.89
CA ALA A 173 -25.26 5.77 13.17
C ALA A 173 -25.89 4.38 13.23
N ALA A 174 -26.62 4.00 12.18
CA ALA A 174 -27.30 2.70 12.11
C ALA A 174 -27.30 2.09 10.72
N ASN A 175 -26.70 0.90 10.64
CA ASN A 175 -26.62 0.10 9.42
C ASN A 175 -28.01 -0.42 9.08
N PHE A 176 -28.47 -0.20 7.83
CA PHE A 176 -29.81 -0.55 7.36
C PHE A 176 -30.85 0.37 8.01
N GLY A 177 -30.40 1.31 8.83
CA GLY A 177 -31.24 2.23 9.58
C GLY A 177 -32.17 3.09 8.76
N HIS A 178 -31.76 3.38 7.52
CA HIS A 178 -32.52 4.20 6.58
C HIS A 178 -33.57 3.44 5.82
N VAL A 179 -33.46 2.10 5.72
CA VAL A 179 -34.37 1.22 4.96
C VAL A 179 -35.85 1.58 5.16
N LEU A 180 -36.30 1.79 6.41
CA LEU A 180 -37.71 2.13 6.68
C LEU A 180 -38.12 3.58 6.34
N HIS A 181 -37.16 4.44 5.94
CA HIS A 181 -37.40 5.83 5.51
C HIS A 181 -37.48 5.90 3.99
N HIS A 182 -37.12 4.79 3.32
CA HIS A 182 -37.03 4.68 1.87
C HIS A 182 -37.83 3.48 1.33
N LEU A 183 -38.95 3.13 1.99
CA LEU A 183 -39.81 1.99 1.60
C LEU A 183 -40.39 2.15 0.18
N ASP A 184 -40.48 3.42 -0.28
CA ASP A 184 -40.94 3.85 -1.61
C ASP A 184 -39.91 3.40 -2.66
N ALA A 185 -38.65 3.82 -2.48
CA ALA A 185 -37.50 3.48 -3.34
C ALA A 185 -37.24 1.98 -3.35
N ASP A 186 -37.06 1.34 -4.51
CA ASP A 186 -36.80 -0.09 -4.40
C ASP A 186 -35.34 -0.35 -4.48
N PHE A 187 -34.91 -1.10 -3.46
CA PHE A 187 -33.59 -1.48 -3.02
C PHE A 187 -32.93 -2.42 -4.00
N THR A 188 -32.00 -1.85 -4.77
CA THR A 188 -31.18 -2.49 -5.82
C THR A 188 -30.35 -3.61 -5.18
N PRO A 189 -30.13 -4.77 -5.84
CA PRO A 189 -29.24 -5.79 -5.25
C PRO A 189 -27.81 -5.28 -5.01
N SER A 190 -27.41 -4.20 -5.70
CA SER A 190 -26.10 -3.56 -5.59
C SER A 190 -26.05 -2.61 -4.38
N ASN A 191 -27.12 -1.85 -4.17
CA ASN A 191 -27.24 -0.95 -3.03
C ASN A 191 -27.22 -1.77 -1.75
N LYS A 192 -27.98 -2.88 -1.74
CA LYS A 192 -28.13 -3.84 -0.65
C LYS A 192 -26.80 -4.51 -0.40
N LEU A 193 -26.11 -4.96 -1.47
CA LEU A 193 -24.82 -5.63 -1.34
C LEU A 193 -23.74 -4.75 -0.77
N ALA A 194 -23.73 -3.46 -1.12
CA ALA A 194 -22.76 -2.51 -0.57
C ALA A 194 -22.97 -2.31 0.94
N ALA A 195 -24.24 -2.33 1.40
CA ALA A 195 -24.64 -2.17 2.80
C ALA A 195 -24.14 -3.31 3.70
N VAL A 196 -24.15 -4.58 3.18
CA VAL A 196 -23.64 -5.83 3.78
C VAL A 196 -22.14 -5.67 4.01
N ILE A 197 -21.38 -5.37 2.93
CA ILE A 197 -19.94 -5.13 2.97
C ILE A 197 -19.58 -3.96 3.88
N GLY A 198 -20.38 -2.90 3.82
CA GLY A 198 -20.26 -1.73 4.67
C GLY A 198 -20.32 -2.06 6.15
N VAL A 199 -21.38 -2.77 6.59
CA VAL A 199 -21.53 -3.19 7.99
C VAL A 199 -20.40 -4.16 8.41
N VAL A 200 -20.07 -5.16 7.55
CA VAL A 200 -18.99 -6.09 7.84
C VAL A 200 -17.67 -5.31 8.07
N GLY A 201 -17.38 -4.38 7.16
CA GLY A 201 -16.20 -3.53 7.22
C GLY A 201 -16.13 -2.69 8.47
N GLU A 202 -17.23 -1.97 8.76
CA GLU A 202 -17.37 -1.09 9.89
C GLU A 202 -17.27 -1.81 11.21
N VAL A 203 -17.74 -3.08 11.29
CA VAL A 203 -17.66 -3.90 12.52
C VAL A 203 -16.23 -4.33 12.73
N VAL A 204 -15.58 -4.89 11.69
CA VAL A 204 -14.20 -5.32 11.78
C VAL A 204 -13.30 -4.13 12.20
N THR A 205 -13.41 -2.98 11.52
CA THR A 205 -12.61 -1.79 11.81
C THR A 205 -12.86 -1.25 13.23
N THR A 206 -14.12 -1.13 13.67
CA THR A 206 -14.46 -0.66 15.01
C THR A 206 -13.82 -1.53 16.09
N MET A 207 -13.94 -2.86 15.92
CA MET A 207 -13.37 -3.83 16.84
C MET A 207 -11.84 -3.73 16.83
N ALA A 208 -11.24 -3.64 15.61
CA ALA A 208 -9.80 -3.49 15.39
C ALA A 208 -9.24 -2.22 16.01
N ILE A 209 -9.92 -1.05 15.83
CA ILE A 209 -9.47 0.22 16.42
C ILE A 209 -9.63 0.22 17.95
N THR A 210 -10.60 -0.55 18.47
CA THR A 210 -10.82 -0.64 19.91
C THR A 210 -9.66 -1.35 20.60
N VAL A 211 -9.29 -2.55 20.10
CA VAL A 211 -8.18 -3.33 20.67
C VAL A 211 -6.83 -2.64 20.39
N ALA A 212 -6.70 -1.91 19.24
CA ALA A 212 -5.50 -1.12 18.95
C ALA A 212 -5.28 -0.09 20.08
N ARG A 213 -6.37 0.54 20.57
CA ARG A 213 -6.34 1.48 21.68
C ARG A 213 -6.00 0.74 22.96
N GLU A 214 -6.66 -0.39 23.22
CA GLU A 214 -6.48 -1.25 24.40
C GLU A 214 -5.03 -1.72 24.59
N PHE A 215 -4.36 -2.19 23.51
CA PHE A 215 -2.99 -2.68 23.61
C PHE A 215 -1.98 -1.64 23.15
N LYS A 216 -2.39 -0.36 23.27
CA LYS A 216 -1.63 0.85 23.00
C LYS A 216 -0.75 0.72 21.75
N THR A 217 -1.41 0.65 20.58
CA THR A 217 -0.80 0.55 19.26
C THR A 217 -1.62 1.30 18.19
N GLU A 218 -0.94 1.86 17.20
CA GLU A 218 -1.61 2.60 16.12
C GLU A 218 -1.59 1.81 14.83
N ASN A 219 -0.84 0.69 14.77
CA ASN A 219 -0.76 -0.11 13.55
C ASN A 219 -1.79 -1.24 13.48
N ILE A 220 -2.54 -1.29 12.39
CA ILE A 220 -3.53 -2.35 12.17
C ILE A 220 -3.28 -2.99 10.79
N VAL A 221 -2.97 -4.29 10.79
CA VAL A 221 -2.70 -5.04 9.57
C VAL A 221 -3.91 -5.92 9.26
N TYR A 222 -4.49 -5.75 8.07
CA TYR A 222 -5.68 -6.49 7.64
C TYR A 222 -5.33 -7.60 6.67
N ILE A 223 -5.71 -8.83 6.98
CA ILE A 223 -5.41 -9.99 6.12
C ILE A 223 -6.69 -10.85 5.85
N GLY A 224 -6.57 -11.89 5.03
CA GLY A 224 -7.67 -12.77 4.66
C GLY A 224 -8.17 -12.57 3.24
N SER A 225 -8.78 -13.60 2.65
CA SER A 225 -9.31 -13.56 1.29
C SER A 225 -10.50 -12.65 1.09
N SER A 226 -11.20 -12.25 2.17
CA SER A 226 -12.36 -11.36 2.13
C SER A 226 -12.02 -10.05 1.42
N PHE A 227 -10.70 -9.72 1.33
CA PHE A 227 -10.23 -8.52 0.67
C PHE A 227 -10.06 -8.70 -0.88
N HIS A 228 -9.98 -9.97 -1.37
CA HIS A 228 -9.87 -10.32 -2.78
C HIS A 228 -11.10 -9.85 -3.53
N ASN A 229 -10.90 -9.18 -4.70
CA ASN A 229 -11.95 -8.67 -5.63
C ASN A 229 -12.97 -7.72 -4.96
N ASN A 230 -12.73 -7.37 -3.68
CA ASN A 230 -13.61 -6.49 -2.94
C ASN A 230 -12.88 -5.24 -2.53
N ALA A 231 -12.66 -4.35 -3.50
CA ALA A 231 -12.03 -3.04 -3.33
C ALA A 231 -12.87 -2.16 -2.39
N LEU A 232 -14.21 -2.24 -2.48
CA LEU A 232 -15.15 -1.52 -1.63
C LEU A 232 -14.88 -1.79 -0.12
N LEU A 233 -14.81 -3.09 0.30
CA LEU A 233 -14.48 -3.48 1.69
C LEU A 233 -13.14 -2.87 2.13
N ARG A 234 -12.11 -2.98 1.25
CA ARG A 234 -10.78 -2.43 1.49
C ARG A 234 -10.88 -0.94 1.80
N LYS A 235 -11.61 -0.16 0.98
CA LYS A 235 -11.74 1.28 1.19
C LYS A 235 -12.55 1.59 2.43
N VAL A 236 -13.63 0.82 2.69
CA VAL A 236 -14.50 0.99 3.88
C VAL A 236 -13.63 0.91 5.13
N VAL A 237 -12.84 -0.18 5.22
CA VAL A 237 -11.90 -0.51 6.29
C VAL A 237 -10.82 0.56 6.42
N GLU A 238 -10.05 0.77 5.33
CA GLU A 238 -8.95 1.71 5.19
C GLU A 238 -9.30 3.11 5.67
N ASP A 239 -10.41 3.68 5.14
CA ASP A 239 -10.91 5.03 5.45
C ASP A 239 -11.27 5.20 6.91
N TYR A 240 -11.95 4.18 7.51
CA TYR A 240 -12.33 4.29 8.91
C TYR A 240 -11.10 4.20 9.84
N THR A 241 -10.15 3.27 9.56
CA THR A 241 -8.91 3.10 10.35
C THR A 241 -8.19 4.43 10.50
N VAL A 242 -7.98 5.11 9.37
CA VAL A 242 -7.38 6.44 9.26
C VAL A 242 -8.17 7.46 10.14
N LEU A 243 -9.50 7.56 9.93
CA LEU A 243 -10.41 8.45 10.67
C LEU A 243 -10.30 8.26 12.17
N ARG A 244 -9.99 7.01 12.62
CA ARG A 244 -9.82 6.64 14.03
C ARG A 244 -8.35 6.80 14.50
N GLY A 245 -7.58 7.58 13.74
CA GLY A 245 -6.17 7.90 14.00
C GLY A 245 -5.24 6.71 14.04
N CYS A 246 -5.52 5.71 13.20
CA CYS A 246 -4.73 4.49 13.14
C CYS A 246 -4.10 4.33 11.78
N LYS A 247 -3.06 3.52 11.70
CA LYS A 247 -2.38 3.27 10.46
C LYS A 247 -2.81 1.91 9.87
N PRO A 248 -3.60 1.92 8.78
CA PRO A 248 -4.00 0.64 8.16
C PRO A 248 -2.89 0.07 7.29
N TYR A 249 -2.82 -1.28 7.22
CA TYR A 249 -1.84 -1.99 6.41
C TYR A 249 -2.44 -3.19 5.70
N TYR A 250 -2.12 -3.35 4.41
CA TYR A 250 -2.53 -4.47 3.57
C TYR A 250 -1.26 -5.08 3.00
N VAL A 251 -0.99 -6.33 3.38
CA VAL A 251 0.20 -7.02 2.93
C VAL A 251 -0.08 -7.84 1.68
N GLU A 252 0.87 -7.87 0.70
CA GLU A 252 0.77 -8.65 -0.55
C GLU A 252 0.81 -10.13 -0.17
N ASN A 253 -0.15 -10.92 -0.65
CA ASN A 253 -0.33 -12.34 -0.32
C ASN A 253 -0.58 -12.55 1.19
N GLY A 254 -1.21 -11.55 1.82
CA GLY A 254 -1.60 -11.54 3.22
C GLY A 254 -2.54 -12.66 3.63
N ALA A 255 -3.42 -13.07 2.70
CA ALA A 255 -4.34 -14.19 2.89
C ALA A 255 -3.58 -15.55 2.94
N PHE A 256 -2.25 -15.54 2.73
CA PHE A 256 -1.40 -16.72 2.77
C PHE A 256 -0.51 -16.78 4.03
N SER A 257 -0.59 -15.75 4.91
CA SER A 257 0.15 -15.64 6.17
C SER A 257 0.05 -16.90 7.03
N GLY A 258 -0.97 -17.68 6.75
CA GLY A 258 -1.22 -18.94 7.45
C GLY A 258 -0.45 -20.11 6.87
N ALA A 259 -0.48 -20.25 5.52
CA ALA A 259 0.23 -21.29 4.78
C ALA A 259 1.74 -21.03 4.73
N ILE A 260 2.17 -19.74 4.78
CA ILE A 260 3.59 -19.32 4.82
C ILE A 260 4.12 -19.66 6.20
N GLY A 261 3.40 -19.19 7.22
CA GLY A 261 3.71 -19.38 8.62
C GLY A 261 4.00 -20.81 9.01
N ALA A 262 3.13 -21.75 8.56
CA ALA A 262 3.23 -23.19 8.79
C ALA A 262 4.60 -23.73 8.36
N LEU A 263 5.11 -23.31 7.18
CA LEU A 263 6.43 -23.70 6.68
C LEU A 263 7.57 -23.25 7.57
N TYR A 264 7.56 -21.97 7.97
CA TYR A 264 8.60 -21.38 8.78
C TYR A 264 8.36 -21.52 10.29
N LEU A 265 7.66 -22.59 10.70
CA LEU A 265 7.37 -22.85 12.11
C LEU A 265 7.83 -24.23 12.54
N GLU A 266 8.15 -24.34 13.87
CA GLU A 266 8.56 -25.47 14.72
C GLU A 266 9.37 -24.95 15.92
N MET B 1 -9.35 -24.69 -17.08
CA MET B 1 -8.10 -24.09 -16.57
C MET B 1 -7.42 -23.19 -17.63
N LYS B 2 -7.55 -21.86 -17.47
CA LYS B 2 -6.94 -20.93 -18.41
C LYS B 2 -5.63 -20.37 -17.81
N VAL B 3 -4.51 -20.42 -18.59
CA VAL B 3 -3.16 -20.06 -18.13
C VAL B 3 -2.46 -18.98 -18.96
N GLY B 4 -1.85 -18.03 -18.26
CA GLY B 4 -1.06 -16.93 -18.82
C GLY B 4 0.37 -17.02 -18.35
N ILE B 5 1.34 -16.89 -19.27
CA ILE B 5 2.76 -17.01 -18.94
C ILE B 5 3.57 -15.84 -19.50
N ASP B 6 4.27 -15.14 -18.60
CA ASP B 6 5.19 -14.07 -18.95
C ASP B 6 6.57 -14.65 -18.71
N ALA B 7 7.20 -15.09 -19.78
CA ALA B 7 8.53 -15.68 -19.67
C ALA B 7 9.57 -14.61 -19.99
N GLY B 8 10.08 -13.98 -18.94
CA GLY B 8 11.07 -12.92 -19.08
C GLY B 8 12.50 -13.40 -19.19
N GLY B 9 13.44 -12.48 -19.01
CA GLY B 9 14.86 -12.77 -19.06
C GLY B 9 15.36 -13.53 -17.86
N THR B 10 14.71 -13.34 -16.70
CA THR B 10 15.12 -13.96 -15.43
C THR B 10 14.03 -14.86 -14.83
N LEU B 11 12.78 -14.38 -14.81
CA LEU B 11 11.69 -15.15 -14.22
C LEU B 11 10.50 -15.42 -15.16
N ILE B 12 9.85 -16.56 -14.95
CA ILE B 12 8.67 -16.98 -15.69
C ILE B 12 7.50 -16.84 -14.72
N LYS B 13 6.53 -16.00 -15.10
CA LYS B 13 5.37 -15.74 -14.26
C LYS B 13 4.20 -16.47 -14.82
N ILE B 14 3.72 -17.43 -14.06
CA ILE B 14 2.59 -18.25 -14.48
C ILE B 14 1.42 -17.81 -13.61
N VAL B 15 0.26 -17.64 -14.26
CA VAL B 15 -1.01 -17.31 -13.62
C VAL B 15 -2.01 -18.33 -14.10
N GLN B 16 -2.39 -19.23 -13.19
CA GLN B 16 -3.37 -20.25 -13.50
C GLN B 16 -4.71 -19.73 -13.03
N GLU B 17 -5.74 -19.88 -13.88
CA GLU B 17 -7.11 -19.47 -13.54
C GLU B 17 -8.08 -20.64 -13.72
N GLN B 18 -8.84 -20.98 -12.64
CA GLN B 18 -9.77 -22.12 -12.58
C GLN B 18 -11.02 -21.79 -11.77
N ASP B 19 -12.14 -21.45 -12.46
CA ASP B 19 -13.44 -21.15 -11.85
C ASP B 19 -13.33 -20.04 -10.79
N ASN B 20 -12.62 -18.95 -11.18
CA ASN B 20 -12.26 -17.71 -10.47
C ASN B 20 -11.47 -18.01 -9.17
N GLN B 21 -10.50 -18.92 -9.28
CA GLN B 21 -9.58 -19.25 -8.19
C GLN B 21 -8.22 -19.07 -8.85
N ARG B 22 -7.47 -18.02 -8.50
CA ARG B 22 -6.16 -17.76 -9.12
C ARG B 22 -4.97 -18.38 -8.39
N THR B 23 -3.90 -18.55 -9.17
CA THR B 23 -2.62 -19.13 -8.73
C THR B 23 -1.46 -18.34 -9.31
N PHE B 24 -0.48 -18.04 -8.50
CA PHE B 24 0.68 -17.27 -8.94
C PHE B 24 1.98 -18.06 -8.77
N LYS B 25 2.45 -18.69 -9.87
CA LYS B 25 3.70 -19.46 -9.92
C LYS B 25 4.81 -18.49 -10.28
N THR B 26 6.02 -18.66 -9.73
CA THR B 26 7.12 -17.72 -10.02
C THR B 26 8.44 -18.43 -10.32
N GLU B 27 8.45 -19.42 -11.23
CA GLU B 27 9.66 -20.21 -11.52
C GLU B 27 10.68 -19.47 -12.42
N LEU B 28 11.98 -19.94 -12.40
CA LEU B 28 13.10 -19.31 -13.10
C LEU B 28 13.12 -19.54 -14.61
N THR B 29 13.71 -18.56 -15.37
CA THR B 29 13.93 -18.66 -16.83
C THR B 29 15.00 -19.73 -17.05
N LYS B 30 15.90 -19.87 -16.05
CA LYS B 30 16.95 -20.88 -15.96
C LYS B 30 16.33 -22.28 -16.15
N ASN B 31 15.15 -22.53 -15.51
CA ASN B 31 14.43 -23.82 -15.56
C ASN B 31 13.20 -23.76 -16.45
N ILE B 32 13.36 -23.23 -17.67
CA ILE B 32 12.27 -23.12 -18.64
C ILE B 32 11.82 -24.52 -19.14
N ASP B 33 12.78 -25.46 -19.27
CA ASP B 33 12.52 -26.83 -19.72
C ASP B 33 11.49 -27.56 -18.84
N GLN B 34 11.52 -27.32 -17.51
CA GLN B 34 10.55 -27.91 -16.57
C GLN B 34 9.17 -27.27 -16.76
N VAL B 35 9.14 -25.96 -17.05
CA VAL B 35 7.90 -25.19 -17.27
C VAL B 35 7.15 -25.80 -18.46
N VAL B 36 7.89 -26.19 -19.49
CA VAL B 36 7.32 -26.82 -20.69
C VAL B 36 6.83 -28.28 -20.38
N GLU B 37 7.64 -29.08 -19.61
CA GLU B 37 7.27 -30.46 -19.19
C GLU B 37 5.94 -30.41 -18.41
N TRP B 38 5.83 -29.45 -17.45
CA TRP B 38 4.66 -29.21 -16.59
C TRP B 38 3.44 -28.87 -17.42
N LEU B 39 3.56 -27.88 -18.34
CA LEU B 39 2.49 -27.39 -19.21
C LEU B 39 1.94 -28.48 -20.10
N ASN B 40 2.82 -29.38 -20.61
CA ASN B 40 2.47 -30.50 -21.48
C ASN B 40 1.60 -31.53 -20.75
N GLN B 41 1.76 -31.62 -19.41
CA GLN B 41 1.07 -32.48 -18.44
C GLN B 41 -0.13 -31.70 -17.75
N GLN B 42 -0.71 -30.69 -18.47
CA GLN B 42 -1.79 -29.87 -17.94
C GLN B 42 -3.01 -29.74 -18.86
N GLN B 43 -4.22 -29.63 -18.23
CA GLN B 43 -5.56 -29.53 -18.84
C GLN B 43 -5.95 -28.06 -19.05
N ILE B 44 -5.23 -27.40 -19.97
CA ILE B 44 -5.40 -25.98 -20.28
C ILE B 44 -6.48 -25.70 -21.35
N GLU B 45 -7.53 -25.00 -20.90
CA GLU B 45 -8.69 -24.55 -21.69
C GLU B 45 -8.24 -23.45 -22.65
N LYS B 46 -7.29 -22.62 -22.18
CA LYS B 46 -6.78 -21.47 -22.94
C LYS B 46 -5.37 -21.18 -22.50
N LEU B 47 -4.46 -21.00 -23.46
CA LEU B 47 -3.06 -20.65 -23.19
C LEU B 47 -2.70 -19.33 -23.85
N CYS B 48 -2.12 -18.42 -23.06
CA CYS B 48 -1.68 -17.13 -23.53
C CYS B 48 -0.26 -16.84 -23.06
N LEU B 49 0.61 -16.43 -24.01
CA LEU B 49 2.03 -16.18 -23.78
C LEU B 49 2.43 -14.75 -24.05
N THR B 50 3.51 -14.29 -23.38
CA THR B 50 4.08 -12.94 -23.49
C THR B 50 5.53 -12.90 -22.97
N GLY B 51 6.27 -11.85 -23.33
CA GLY B 51 7.65 -11.67 -22.87
C GLY B 51 8.68 -12.33 -23.75
N GLY B 52 9.96 -12.16 -23.38
CA GLY B 52 11.11 -12.65 -24.11
C GLY B 52 11.10 -14.09 -24.57
N ASN B 53 11.14 -15.02 -23.61
CA ASN B 53 11.19 -16.46 -23.84
C ASN B 53 9.83 -17.12 -24.11
N ALA B 54 8.81 -16.32 -24.50
CA ALA B 54 7.47 -16.82 -24.81
C ALA B 54 7.49 -17.75 -26.04
N GLY B 55 8.38 -17.45 -26.99
CA GLY B 55 8.55 -18.24 -28.21
C GLY B 55 9.11 -19.62 -27.94
N VAL B 56 10.07 -19.68 -26.98
CA VAL B 56 10.76 -20.90 -26.54
C VAL B 56 9.74 -21.93 -26.08
N ILE B 57 8.80 -21.49 -25.22
CA ILE B 57 7.73 -22.31 -24.67
C ILE B 57 6.82 -22.79 -25.82
N ALA B 58 6.39 -21.84 -26.68
CA ALA B 58 5.50 -22.06 -27.81
C ALA B 58 6.04 -23.13 -28.77
N GLU B 59 7.37 -23.12 -29.00
CA GLU B 59 8.05 -24.07 -29.89
C GLU B 59 8.06 -25.49 -29.33
N ASN B 60 8.45 -25.65 -28.05
CA ASN B 60 8.59 -26.94 -27.37
C ASN B 60 7.27 -27.51 -26.79
N ILE B 61 6.14 -26.76 -26.90
CA ILE B 61 4.84 -27.18 -26.36
C ILE B 61 4.01 -27.94 -27.43
N ASN B 62 3.21 -28.90 -26.96
CA ASN B 62 2.35 -29.74 -27.79
C ASN B 62 0.86 -29.35 -27.65
N ILE B 63 0.61 -28.04 -27.45
CA ILE B 63 -0.71 -27.40 -27.27
C ILE B 63 -0.66 -26.02 -27.96
N PRO B 64 -1.69 -25.58 -28.73
CA PRO B 64 -1.65 -24.21 -29.31
C PRO B 64 -1.68 -23.12 -28.24
N ALA B 65 -1.09 -21.95 -28.54
CA ALA B 65 -1.04 -20.84 -27.59
C ALA B 65 -0.96 -19.48 -28.29
N GLN B 66 -1.79 -18.52 -27.85
CA GLN B 66 -1.83 -17.14 -28.36
C GLN B 66 -0.65 -16.33 -27.80
N ILE B 67 0.09 -15.64 -28.67
CA ILE B 67 1.24 -14.84 -28.23
C ILE B 67 0.91 -13.35 -28.31
N PHE B 68 1.25 -12.61 -27.25
CA PHE B 68 0.97 -11.19 -27.13
C PHE B 68 2.24 -10.40 -26.82
N VAL B 69 2.24 -9.11 -27.18
CA VAL B 69 3.34 -8.14 -26.92
C VAL B 69 3.31 -7.81 -25.41
N GLU B 70 4.45 -8.03 -24.70
CA GLU B 70 4.53 -7.81 -23.25
C GLU B 70 4.09 -6.41 -22.83
N PHE B 71 4.41 -5.39 -23.65
CA PHE B 71 4.07 -3.98 -23.42
C PHE B 71 2.56 -3.78 -23.30
N ASP B 72 1.80 -4.51 -24.12
CA ASP B 72 0.35 -4.42 -24.05
C ASP B 72 -0.22 -5.27 -22.92
N ALA B 73 0.36 -6.50 -22.72
CA ALA B 73 -0.05 -7.45 -21.67
C ALA B 73 0.10 -6.84 -20.30
N ALA B 74 1.32 -6.34 -19.93
CA ALA B 74 1.56 -5.71 -18.61
C ALA B 74 0.51 -4.61 -18.30
N SER B 75 0.26 -3.75 -19.28
CA SER B 75 -0.72 -2.68 -19.14
C SER B 75 -2.08 -3.24 -18.78
N GLN B 76 -2.52 -4.30 -19.51
CA GLN B 76 -3.82 -4.98 -19.31
C GLN B 76 -3.93 -5.58 -17.93
N GLY B 77 -2.97 -6.48 -17.61
CA GLY B 77 -2.85 -7.16 -16.33
C GLY B 77 -2.72 -6.21 -15.17
N LEU B 78 -1.96 -5.11 -15.34
CA LEU B 78 -1.81 -4.09 -14.31
C LEU B 78 -3.13 -3.38 -14.06
N GLY B 79 -3.86 -3.05 -15.15
CA GLY B 79 -5.18 -2.41 -15.07
C GLY B 79 -6.18 -3.19 -14.23
N ILE B 80 -6.26 -4.54 -14.51
CA ILE B 80 -7.10 -5.55 -13.84
C ILE B 80 -6.78 -5.51 -12.33
N LEU B 81 -5.51 -5.79 -11.96
CA LEU B 81 -5.00 -5.74 -10.60
C LEU B 81 -5.28 -4.37 -9.91
N LEU B 82 -5.00 -3.23 -10.60
CA LEU B 82 -5.23 -1.87 -10.07
C LEU B 82 -6.65 -1.69 -9.63
N LYS B 83 -7.60 -1.93 -10.54
CA LYS B 83 -9.03 -1.78 -10.28
C LYS B 83 -9.48 -2.66 -9.10
N GLU B 84 -9.10 -3.97 -9.17
CA GLU B 84 -9.40 -5.02 -8.19
C GLU B 84 -9.00 -4.60 -6.79
N GLN B 85 -7.83 -3.95 -6.64
CA GLN B 85 -7.28 -3.46 -5.38
C GLN B 85 -7.77 -2.04 -4.99
N GLY B 86 -8.79 -1.55 -5.70
CA GLY B 86 -9.41 -0.27 -5.41
C GLY B 86 -8.68 0.98 -5.86
N HIS B 87 -7.90 0.85 -6.94
CA HIS B 87 -7.17 1.96 -7.55
C HIS B 87 -7.89 2.33 -8.85
N ASP B 88 -8.52 3.50 -8.86
CA ASP B 88 -9.26 4.03 -10.01
C ASP B 88 -8.46 5.23 -10.51
N LEU B 89 -7.31 4.95 -11.15
CA LEU B 89 -6.42 6.00 -11.67
C LEU B 89 -6.73 6.32 -13.13
N ALA B 90 -7.08 7.60 -13.41
CA ALA B 90 -7.42 8.05 -14.75
C ALA B 90 -6.27 7.85 -15.76
N ASP B 91 -5.05 8.26 -15.33
CA ASP B 91 -3.76 8.21 -16.03
C ASP B 91 -2.69 7.80 -15.01
N TYR B 92 -1.67 7.09 -15.48
CA TYR B 92 -0.60 6.52 -14.64
C TYR B 92 0.69 6.14 -15.43
N ILE B 93 1.85 6.66 -14.95
CA ILE B 93 3.14 6.27 -15.48
C ILE B 93 3.42 4.89 -14.84
N PHE B 94 3.65 3.82 -15.63
CA PHE B 94 3.96 2.56 -14.99
C PHE B 94 5.37 2.11 -15.36
N ALA B 95 6.16 1.79 -14.33
CA ALA B 95 7.53 1.33 -14.49
C ALA B 95 7.57 -0.16 -14.26
N ASN B 96 7.89 -0.90 -15.31
CA ASN B 96 8.03 -2.34 -15.22
C ASN B 96 9.54 -2.62 -14.96
N VAL B 97 9.91 -2.70 -13.67
CA VAL B 97 11.26 -2.92 -13.18
C VAL B 97 11.58 -4.43 -13.07
N GLY B 98 11.97 -5.03 -14.19
CA GLY B 98 12.34 -6.43 -14.28
C GLY B 98 13.85 -6.57 -14.39
N THR B 99 14.36 -7.52 -15.22
CA THR B 99 15.81 -7.68 -15.46
C THR B 99 16.37 -6.30 -15.86
N GLY B 100 15.59 -5.61 -16.69
CA GLY B 100 15.81 -4.23 -17.14
C GLY B 100 14.53 -3.46 -16.91
N THR B 101 14.58 -2.12 -17.00
CA THR B 101 13.42 -1.27 -16.78
C THR B 101 12.77 -0.77 -18.07
N SER B 102 11.45 -0.85 -18.14
CA SER B 102 10.65 -0.38 -19.26
C SER B 102 9.71 0.72 -18.74
N LEU B 103 9.64 1.89 -19.38
CA LEU B 103 8.77 2.99 -18.92
C LEU B 103 7.62 3.28 -19.88
N HIS B 104 6.42 3.31 -19.32
CA HIS B 104 5.19 3.50 -20.07
C HIS B 104 4.31 4.59 -19.51
N TYR B 105 3.30 4.99 -20.31
CA TYR B 105 2.28 5.99 -19.98
C TYR B 105 0.92 5.48 -20.39
N PHE B 106 -0.02 5.46 -19.43
CA PHE B 106 -1.42 5.08 -19.63
C PHE B 106 -2.33 6.35 -19.62
N ASP B 107 -3.14 6.58 -20.72
CA ASP B 107 -4.01 7.75 -20.88
C ASP B 107 -5.53 7.46 -20.72
N GLY B 108 -5.90 6.55 -19.83
CA GLY B 108 -7.32 6.30 -19.59
C GLY B 108 -7.94 5.21 -20.41
N GLN B 109 -7.09 4.41 -21.04
CA GLN B 109 -7.28 3.17 -21.79
C GLN B 109 -6.47 3.22 -23.04
N SER B 110 -5.19 2.91 -22.79
CA SER B 110 -4.09 2.65 -23.71
C SER B 110 -2.78 3.00 -23.09
N GLN B 111 -1.74 2.16 -23.27
CA GLN B 111 -0.37 2.46 -22.85
C GLN B 111 0.48 2.91 -24.02
N ARG B 112 1.61 3.56 -23.69
CA ARG B 112 2.63 4.02 -24.64
C ARG B 112 3.98 3.85 -23.96
N ARG B 113 4.91 3.14 -24.60
CA ARG B 113 6.29 3.05 -24.13
C ARG B 113 6.84 4.49 -24.32
N VAL B 114 7.25 5.13 -23.25
CA VAL B 114 7.75 6.50 -23.35
C VAL B 114 9.25 6.55 -22.98
N GLY B 115 9.76 5.43 -22.47
CA GLY B 115 11.15 5.28 -22.07
C GLY B 115 11.54 3.85 -21.73
N GLY B 116 12.81 3.71 -21.42
CA GLY B 116 13.43 2.47 -21.00
C GLY B 116 14.83 2.73 -20.52
N ILE B 117 15.33 1.87 -19.64
CA ILE B 117 16.68 2.01 -19.10
C ILE B 117 17.22 0.62 -18.73
N GLY B 118 18.53 0.50 -18.69
CA GLY B 118 19.18 -0.76 -18.33
C GLY B 118 19.50 -0.92 -16.86
N THR B 119 18.86 -0.14 -15.98
CA THR B 119 19.07 -0.16 -14.52
C THR B 119 17.89 -0.85 -13.82
N GLY B 120 17.89 -2.18 -13.85
CA GLY B 120 16.86 -2.97 -13.22
C GLY B 120 17.43 -3.97 -12.23
N GLY B 121 16.73 -5.08 -12.07
CA GLY B 121 17.10 -6.19 -11.20
C GLY B 121 18.33 -6.93 -11.67
N GLY B 122 18.50 -6.99 -13.00
CA GLY B 122 19.64 -7.62 -13.65
C GLY B 122 20.93 -6.94 -13.25
N MET B 123 20.86 -5.63 -13.00
CA MET B 123 22.01 -4.83 -12.54
C MET B 123 22.27 -5.09 -11.06
N ILE B 124 21.18 -5.27 -10.26
CA ILE B 124 21.27 -5.54 -8.82
C ILE B 124 21.99 -6.88 -8.64
N GLN B 125 21.60 -7.86 -9.46
CA GLN B 125 22.16 -9.20 -9.49
C GLN B 125 23.60 -9.24 -10.07
N GLY B 126 23.80 -8.56 -11.20
CA GLY B 126 25.07 -8.50 -11.93
C GLY B 126 26.18 -7.78 -11.22
N LEU B 127 25.99 -6.45 -11.02
CA LEU B 127 26.96 -5.59 -10.31
C LEU B 127 27.06 -6.04 -8.84
N GLY B 128 25.96 -6.59 -8.30
CA GLY B 128 25.86 -7.15 -6.95
C GLY B 128 26.88 -8.25 -6.77
N TYR B 129 26.92 -9.20 -7.72
CA TYR B 129 27.89 -10.29 -7.71
C TYR B 129 29.33 -9.75 -7.82
N LEU B 130 29.61 -8.82 -8.75
CA LEU B 130 30.98 -8.29 -8.88
C LEU B 130 31.44 -7.55 -7.63
N LEU B 131 30.51 -7.03 -6.80
CA LEU B 131 30.85 -6.29 -5.58
C LEU B 131 30.69 -7.10 -4.25
N SER B 132 30.19 -8.36 -4.32
CA SER B 132 29.95 -9.15 -3.11
C SER B 132 30.26 -10.63 -3.28
N GLN B 133 30.41 -11.05 -4.54
CA GLN B 133 30.65 -12.42 -5.02
C GLN B 133 29.49 -13.35 -4.64
N ILE B 134 28.35 -12.74 -4.20
CA ILE B 134 27.10 -13.40 -3.84
C ILE B 134 26.25 -13.71 -5.08
N THR B 135 25.78 -14.97 -5.23
CA THR B 135 24.98 -15.46 -6.37
C THR B 135 23.51 -15.69 -6.00
N ASP B 136 23.24 -15.99 -4.70
CA ASP B 136 21.88 -16.20 -4.20
C ASP B 136 21.17 -14.86 -4.08
N TYR B 137 20.01 -14.76 -4.79
CA TYR B 137 19.19 -13.55 -4.85
C TYR B 137 18.76 -13.01 -3.47
N LYS B 138 18.04 -13.85 -2.68
CA LYS B 138 17.55 -13.59 -1.31
C LYS B 138 18.69 -13.02 -0.43
N GLN B 139 19.81 -13.76 -0.41
CA GLN B 139 21.06 -13.48 0.32
C GLN B 139 21.60 -12.12 -0.07
N LEU B 140 21.69 -11.83 -1.38
CA LEU B 140 22.15 -10.56 -1.92
C LEU B 140 21.25 -9.42 -1.45
N THR B 141 19.93 -9.69 -1.34
CA THR B 141 18.92 -8.70 -0.92
C THR B 141 18.80 -8.41 0.58
N ASP B 142 18.69 -9.45 1.47
CA ASP B 142 18.63 -9.20 2.94
C ASP B 142 19.97 -8.61 3.35
N MET B 143 21.05 -9.10 2.73
CA MET B 143 22.42 -8.67 2.91
C MET B 143 22.59 -7.18 2.61
N ALA B 144 21.88 -6.68 1.60
CA ALA B 144 21.95 -5.30 1.17
C ALA B 144 21.25 -4.38 2.14
N GLN B 145 20.18 -4.89 2.76
CA GLN B 145 19.31 -4.20 3.71
C GLN B 145 20.02 -3.68 4.92
N HIS B 146 21.04 -4.41 5.37
CA HIS B 146 21.88 -4.07 6.52
C HIS B 146 22.93 -2.96 6.18
N GLY B 147 22.86 -2.40 4.96
CA GLY B 147 23.84 -1.48 4.38
C GLY B 147 23.70 0.03 4.48
N ASP B 148 24.84 0.70 4.77
CA ASP B 148 24.99 2.15 4.88
C ASP B 148 25.65 2.73 3.62
N ARG B 149 25.11 3.82 3.08
CA ARG B 149 25.68 4.38 1.86
C ARG B 149 26.49 5.68 2.08
N ASN B 150 26.53 6.24 3.31
CA ASN B 150 27.26 7.48 3.66
C ASN B 150 28.70 7.53 3.17
N THR B 151 29.47 6.45 3.34
CA THR B 151 30.86 6.39 2.91
C THR B 151 30.98 6.17 1.41
N ILE B 152 29.88 5.75 0.75
CA ILE B 152 29.87 5.45 -0.69
C ILE B 152 29.26 6.60 -1.53
N ASP B 153 27.98 6.97 -1.33
CA ASP B 153 27.33 8.03 -2.12
C ASP B 153 27.65 9.44 -1.63
N LEU B 154 27.61 10.43 -2.56
CA LEU B 154 27.91 11.85 -2.32
C LEU B 154 26.65 12.71 -2.45
N LYS B 155 26.34 13.50 -1.40
CA LYS B 155 25.16 14.40 -1.33
C LYS B 155 25.43 15.76 -1.99
N VAL B 156 24.39 16.56 -2.17
CA VAL B 156 24.52 17.90 -2.74
C VAL B 156 25.26 18.81 -1.72
N ARG B 157 24.90 18.66 -0.43
CA ARG B 157 25.46 19.38 0.72
C ARG B 157 26.97 19.21 0.86
N HIS B 158 27.50 18.03 0.48
CA HIS B 158 28.92 17.72 0.58
C HIS B 158 29.76 18.60 -0.33
N ILE B 159 29.19 18.97 -1.49
CA ILE B 159 29.83 19.83 -2.49
C ILE B 159 29.71 21.29 -2.04
N TYR B 160 28.49 21.72 -1.71
CA TYR B 160 28.18 23.08 -1.33
C TYR B 160 28.64 23.45 0.06
N LYS B 161 29.05 22.46 0.89
CA LYS B 161 29.53 22.68 2.26
C LYS B 161 28.57 23.59 3.05
N ASP B 162 29.09 24.69 3.62
CA ASP B 162 28.32 25.67 4.37
C ASP B 162 27.41 26.53 3.49
N THR B 163 27.85 26.83 2.25
CA THR B 163 27.13 27.61 1.22
C THR B 163 25.72 27.02 0.96
N GLU B 164 24.71 27.90 0.75
CA GLU B 164 23.35 27.46 0.48
C GLU B 164 23.28 26.83 -0.92
N PRO B 165 22.92 25.53 -1.04
CA PRO B 165 22.85 24.89 -2.38
C PRO B 165 21.66 25.38 -3.23
N PRO B 166 21.75 25.32 -4.59
CA PRO B 166 20.62 25.80 -5.42
C PRO B 166 19.52 24.78 -5.62
N ILE B 167 19.75 23.52 -5.16
CA ILE B 167 18.81 22.40 -5.18
C ILE B 167 18.91 21.71 -3.80
N PRO B 168 17.90 20.95 -3.28
CA PRO B 168 18.04 20.37 -1.92
C PRO B 168 19.36 19.67 -1.63
N GLY B 169 20.02 20.10 -0.57
CA GLY B 169 21.32 19.59 -0.12
C GLY B 169 21.36 18.13 0.28
N ASP B 170 20.21 17.57 0.69
CA ASP B 170 20.13 16.16 1.05
C ASP B 170 20.19 15.23 -0.18
N LEU B 171 19.89 15.76 -1.37
CA LEU B 171 19.85 14.96 -2.59
C LEU B 171 21.20 14.35 -2.92
N THR B 172 21.17 13.19 -3.57
CA THR B 172 22.37 12.48 -4.02
C THR B 172 22.92 13.19 -5.27
N ALA B 173 24.07 13.86 -5.10
CA ALA B 173 24.75 14.55 -6.18
C ALA B 173 25.52 13.50 -6.98
N ALA B 174 26.16 12.52 -6.29
CA ALA B 174 26.94 11.49 -6.98
C ALA B 174 26.92 10.09 -6.37
N ASN B 175 26.48 9.12 -7.17
CA ASN B 175 26.48 7.72 -6.76
C ASN B 175 27.92 7.25 -6.76
N PHE B 176 28.38 6.58 -5.66
CA PHE B 176 29.75 6.10 -5.46
C PHE B 176 30.73 7.27 -5.34
N GLY B 177 30.18 8.49 -5.34
CA GLY B 177 30.93 9.74 -5.27
C GLY B 177 31.95 9.76 -4.15
N HIS B 178 31.46 9.44 -2.94
CA HIS B 178 32.23 9.41 -1.71
C HIS B 178 33.31 8.33 -1.61
N VAL B 179 33.26 7.27 -2.43
CA VAL B 179 34.23 6.15 -2.37
C VAL B 179 35.68 6.64 -2.27
N LEU B 180 36.11 7.59 -3.11
CA LEU B 180 37.49 8.08 -3.08
C LEU B 180 37.82 9.04 -1.91
N HIS B 181 36.82 9.43 -1.10
CA HIS B 181 36.97 10.28 0.09
C HIS B 181 37.06 9.40 1.35
N HIS B 182 36.76 8.09 1.19
CA HIS B 182 36.68 7.09 2.26
C HIS B 182 37.56 5.86 1.98
N LEU B 183 38.69 6.07 1.29
CA LEU B 183 39.63 5.00 0.94
C LEU B 183 40.19 4.27 2.17
N ASP B 184 40.20 4.98 3.34
CA ASP B 184 40.63 4.51 4.67
C ASP B 184 39.65 3.44 5.16
N ALA B 185 38.34 3.79 5.21
CA ALA B 185 37.22 2.93 5.63
C ALA B 185 37.07 1.72 4.68
N ASP B 186 36.87 0.52 5.26
CA ASP B 186 36.67 -0.66 4.42
C ASP B 186 35.22 -0.79 4.06
N PHE B 187 34.98 -0.91 2.74
CA PHE B 187 33.69 -0.99 2.05
C PHE B 187 33.09 -2.38 2.19
N THR B 188 32.13 -2.50 3.12
CA THR B 188 31.37 -3.69 3.50
C THR B 188 30.59 -4.18 2.28
N PRO B 189 30.46 -5.52 2.03
CA PRO B 189 29.62 -5.97 0.90
C PRO B 189 28.16 -5.50 1.01
N SER B 190 27.72 -5.12 2.22
CA SER B 190 26.38 -4.62 2.49
C SER B 190 26.25 -3.13 2.14
N ASN B 191 27.28 -2.33 2.51
CA ASN B 191 27.33 -0.90 2.21
C ASN B 191 27.33 -0.74 0.71
N LYS B 192 28.17 -1.54 0.02
CA LYS B 192 28.34 -1.58 -1.44
C LYS B 192 27.06 -2.04 -2.10
N LEU B 193 26.42 -3.10 -1.57
CA LEU B 193 25.17 -3.60 -2.14
C LEU B 193 24.00 -2.63 -2.02
N ALA B 194 23.99 -1.82 -0.94
CA ALA B 194 22.98 -0.76 -0.69
C ALA B 194 23.17 0.43 -1.62
N ALA B 195 24.41 0.73 -2.04
CA ALA B 195 24.77 1.84 -2.93
C ALA B 195 24.25 1.60 -4.31
N VAL B 196 24.35 0.31 -4.75
CA VAL B 196 23.92 -0.34 -6.00
C VAL B 196 22.39 -0.18 -6.14
N ILE B 197 21.62 -0.85 -5.27
CA ILE B 197 20.17 -0.75 -5.21
C ILE B 197 19.74 0.72 -5.20
N GLY B 198 20.49 1.55 -4.44
CA GLY B 198 20.32 3.00 -4.36
C GLY B 198 20.34 3.68 -5.71
N VAL B 199 21.43 3.45 -6.47
CA VAL B 199 21.61 4.02 -7.81
C VAL B 199 20.53 3.49 -8.79
N VAL B 200 20.27 2.16 -8.78
CA VAL B 200 19.23 1.57 -9.63
C VAL B 200 17.86 2.26 -9.34
N GLY B 201 17.53 2.38 -8.06
CA GLY B 201 16.31 3.02 -7.58
C GLY B 201 16.18 4.46 -8.01
N GLU B 202 17.24 5.24 -7.75
CA GLU B 202 17.32 6.67 -8.06
C GLU B 202 17.22 6.94 -9.55
N VAL B 203 17.75 6.03 -10.40
CA VAL B 203 17.69 6.18 -11.86
C VAL B 203 16.25 5.90 -12.33
N VAL B 204 15.67 4.78 -11.90
CA VAL B 204 14.30 4.42 -12.26
C VAL B 204 13.33 5.54 -11.84
N THR B 205 13.42 6.00 -10.58
CA THR B 205 12.54 7.07 -10.07
C THR B 205 12.73 8.39 -10.81
N THR B 206 13.97 8.84 -11.06
CA THR B 206 14.26 10.08 -11.80
C THR B 206 13.62 10.03 -13.19
N MET B 207 13.83 8.91 -13.91
CA MET B 207 13.28 8.71 -15.23
C MET B 207 11.75 8.69 -15.17
N ALA B 208 11.17 7.95 -14.18
CA ALA B 208 9.73 7.83 -13.96
C ALA B 208 9.10 9.18 -13.63
N ILE B 209 9.70 10.00 -12.73
CA ILE B 209 9.17 11.33 -12.39
C ILE B 209 9.31 12.30 -13.56
N THR B 210 10.31 12.10 -14.44
CA THR B 210 10.51 12.97 -15.61
C THR B 210 9.39 12.80 -16.60
N VAL B 211 9.10 11.53 -17.00
CA VAL B 211 8.01 11.23 -17.95
C VAL B 211 6.64 11.51 -17.32
N ALA B 212 6.48 11.33 -15.99
CA ALA B 212 5.24 11.69 -15.29
C ALA B 212 4.95 13.19 -15.50
N ARG B 213 6.00 14.04 -15.43
CA ARG B 213 5.88 15.47 -15.67
C ARG B 213 5.56 15.72 -17.15
N GLU B 214 6.31 15.04 -18.07
CA GLU B 214 6.17 15.14 -19.53
C GLU B 214 4.77 14.82 -20.00
N PHE B 215 4.13 13.74 -19.49
CA PHE B 215 2.79 13.34 -19.94
C PHE B 215 1.71 13.76 -18.96
N LYS B 216 2.03 14.84 -18.22
CA LYS B 216 1.20 15.55 -17.25
C LYS B 216 0.35 14.60 -16.41
N THR B 217 1.02 13.86 -15.53
CA THR B 217 0.44 12.89 -14.59
C THR B 217 1.23 12.84 -13.27
N GLU B 218 0.53 12.62 -12.16
CA GLU B 218 1.18 12.54 -10.85
C GLU B 218 1.24 11.12 -10.36
N ASN B 219 0.56 10.19 -11.02
CA ASN B 219 0.54 8.78 -10.59
C ASN B 219 1.64 7.93 -11.22
N ILE B 220 2.42 7.25 -10.38
CA ILE B 220 3.47 6.35 -10.85
C ILE B 220 3.28 4.98 -10.19
N VAL B 221 3.05 3.96 -11.01
CA VAL B 221 2.85 2.58 -10.56
C VAL B 221 4.10 1.78 -10.85
N TYR B 222 4.68 1.18 -9.82
CA TYR B 222 5.91 0.41 -9.93
C TYR B 222 5.62 -1.08 -9.89
N ILE B 223 6.06 -1.83 -10.94
CA ILE B 223 5.85 -3.29 -11.01
C ILE B 223 7.17 -4.03 -11.34
N GLY B 224 7.13 -5.37 -11.34
CA GLY B 224 8.29 -6.21 -11.60
C GLY B 224 8.81 -6.90 -10.35
N SER B 225 9.48 -8.04 -10.52
CA SER B 225 10.03 -8.85 -9.43
C SER B 225 11.18 -8.21 -8.71
N SER B 226 11.83 -7.18 -9.30
CA SER B 226 12.97 -6.48 -8.68
C SER B 226 12.58 -5.92 -7.32
N PHE B 227 11.27 -5.71 -7.10
CA PHE B 227 10.75 -5.21 -5.85
C PHE B 227 10.44 -6.31 -4.80
N HIS B 228 10.51 -7.62 -5.18
CA HIS B 228 10.33 -8.77 -4.30
C HIS B 228 11.59 -8.94 -3.43
N ASN B 229 11.41 -9.07 -2.10
CA ASN B 229 12.46 -9.24 -1.07
C ASN B 229 13.43 -8.03 -0.98
N ASN B 230 13.12 -6.93 -1.71
CA ASN B 230 14.00 -5.77 -1.68
C ASN B 230 13.35 -4.51 -1.15
N ALA B 231 12.99 -4.55 0.13
CA ALA B 231 12.42 -3.44 0.88
C ALA B 231 13.18 -2.14 0.63
N LEU B 232 14.53 -2.23 0.57
CA LEU B 232 15.48 -1.12 0.33
C LEU B 232 15.14 -0.39 -0.95
N LEU B 233 14.99 -1.14 -2.07
CA LEU B 233 14.65 -0.56 -3.38
C LEU B 233 13.28 0.13 -3.33
N ARG B 234 12.29 -0.56 -2.71
CA ARG B 234 10.94 -0.03 -2.55
C ARG B 234 10.97 1.32 -1.85
N LYS B 235 11.67 1.42 -0.70
CA LYS B 235 11.76 2.69 0.06
C LYS B 235 12.51 3.76 -0.74
N VAL B 236 13.62 3.38 -1.38
CA VAL B 236 14.45 4.29 -2.19
C VAL B 236 13.56 4.99 -3.22
N VAL B 237 12.81 4.16 -3.98
CA VAL B 237 11.87 4.55 -5.03
C VAL B 237 10.73 5.40 -4.46
N GLU B 238 9.99 4.83 -3.50
CA GLU B 238 8.84 5.42 -2.82
C GLU B 238 9.13 6.83 -2.28
N ASP B 239 10.23 6.98 -1.49
CA ASP B 239 10.65 8.24 -0.87
C ASP B 239 10.95 9.33 -1.89
N TYR B 240 11.65 8.96 -2.98
CA TYR B 240 11.98 9.95 -3.99
C TYR B 240 10.74 10.40 -4.76
N THR B 241 9.81 9.46 -5.08
CA THR B 241 8.56 9.76 -5.81
C THR B 241 7.77 10.84 -5.05
N VAL B 242 7.60 10.64 -3.73
CA VAL B 242 6.93 11.56 -2.78
C VAL B 242 7.58 12.95 -2.81
N LEU B 243 8.93 12.99 -2.72
CA LEU B 243 9.78 14.17 -2.75
C LEU B 243 9.62 14.96 -4.04
N ARG B 244 9.38 14.25 -5.17
CA ARG B 244 9.20 14.84 -6.51
C ARG B 244 7.72 15.18 -6.80
N GLY B 245 6.92 15.29 -5.74
CA GLY B 245 5.50 15.62 -5.76
C GLY B 245 4.63 14.67 -6.57
N CYS B 246 4.97 13.38 -6.54
CA CYS B 246 4.25 12.35 -7.27
C CYS B 246 3.67 11.33 -6.33
N LYS B 247 2.69 10.58 -6.82
CA LYS B 247 2.02 9.56 -6.02
C LYS B 247 2.55 8.16 -6.40
N PRO B 248 3.37 7.52 -5.53
CA PRO B 248 3.85 6.17 -5.85
C PRO B 248 2.78 5.12 -5.56
N TYR B 249 2.79 4.03 -6.35
CA TYR B 249 1.85 2.91 -6.20
C TYR B 249 2.55 1.57 -6.40
N TYR B 250 2.24 0.62 -5.51
CA TYR B 250 2.74 -0.75 -5.57
C TYR B 250 1.52 -1.67 -5.57
N VAL B 251 1.33 -2.41 -6.65
CA VAL B 251 0.18 -3.30 -6.76
C VAL B 251 0.53 -4.73 -6.28
N GLU B 252 -0.41 -5.41 -5.57
CA GLU B 252 -0.24 -6.79 -5.09
C GLU B 252 -0.18 -7.72 -6.32
N ASN B 253 0.85 -8.58 -6.40
CA ASN B 253 1.12 -9.47 -7.54
C ASN B 253 1.33 -8.68 -8.84
N GLY B 254 1.90 -7.46 -8.69
CA GLY B 254 2.24 -6.53 -9.77
C GLY B 254 3.21 -7.10 -10.78
N ALA B 255 4.13 -7.96 -10.32
CA ALA B 255 5.10 -8.64 -11.16
C ALA B 255 4.43 -9.70 -12.07
N PHE B 256 3.11 -9.90 -11.92
CA PHE B 256 2.32 -10.84 -12.72
C PHE B 256 1.42 -10.16 -13.77
N SER B 257 1.39 -8.81 -13.81
CA SER B 257 0.63 -7.98 -14.74
C SER B 257 0.78 -8.40 -16.20
N GLY B 258 1.78 -9.19 -16.49
CA GLY B 258 2.04 -9.66 -17.84
C GLY B 258 1.33 -10.94 -18.23
N ALA B 259 1.29 -11.92 -17.27
CA ALA B 259 0.64 -13.21 -17.42
C ALA B 259 -0.86 -13.10 -17.15
N ILE B 260 -1.29 -12.05 -16.40
CA ILE B 260 -2.71 -11.73 -16.15
C ILE B 260 -3.18 -11.12 -17.45
N GLY B 261 -2.47 -10.08 -17.90
CA GLY B 261 -2.75 -9.38 -19.14
C GLY B 261 -2.98 -10.29 -20.32
N ALA B 262 -2.02 -11.24 -20.56
CA ALA B 262 -2.07 -12.24 -21.63
C ALA B 262 -3.40 -12.99 -21.65
N LEU B 263 -3.86 -13.51 -20.49
CA LEU B 263 -5.15 -14.20 -20.27
C LEU B 263 -6.34 -13.39 -20.77
N TYR B 264 -6.45 -12.10 -20.28
CA TYR B 264 -7.52 -11.16 -20.58
C TYR B 264 -7.29 -10.29 -21.85
N LEU B 265 -6.54 -10.84 -22.83
CA LEU B 265 -6.29 -10.14 -24.09
C LEU B 265 -6.76 -10.96 -25.28
N GLU B 266 -6.74 -12.32 -25.10
CA GLU B 266 -7.17 -13.36 -26.05
C GLU B 266 -8.29 -12.91 -27.02
N MET C 1 -45.22 20.19 37.70
CA MET C 1 -45.25 19.40 36.48
C MET C 1 -43.93 19.43 35.70
N LYS C 2 -43.02 18.50 35.98
CA LYS C 2 -41.71 18.40 35.30
C LYS C 2 -41.75 17.30 34.20
N VAL C 3 -41.16 17.57 33.02
CA VAL C 3 -41.14 16.61 31.90
C VAL C 3 -39.77 16.54 31.23
N GLY C 4 -39.29 15.32 31.00
CA GLY C 4 -38.03 15.01 30.30
C GLY C 4 -38.31 14.24 29.03
N ILE C 5 -37.70 14.63 27.91
CA ILE C 5 -37.93 13.97 26.62
C ILE C 5 -36.63 13.60 25.92
N ASP C 6 -36.46 12.32 25.61
CA ASP C 6 -35.33 11.82 24.85
C ASP C 6 -35.90 11.50 23.47
N ALA C 7 -35.70 12.42 22.51
CA ALA C 7 -36.19 12.21 21.17
C ALA C 7 -35.07 11.67 20.31
N GLY C 8 -35.03 10.35 20.20
CA GLY C 8 -34.00 9.68 19.42
C GLY C 8 -34.28 9.59 17.94
N GLY C 9 -33.54 8.75 17.25
CA GLY C 9 -33.74 8.55 15.83
C GLY C 9 -34.99 7.75 15.49
N THR C 10 -35.44 6.89 16.43
CA THR C 10 -36.61 6.01 16.21
C THR C 10 -37.71 6.26 17.21
N LEU C 11 -37.38 6.38 18.51
CA LEU C 11 -38.43 6.58 19.50
C LEU C 11 -38.25 7.80 20.39
N ILE C 12 -39.38 8.37 20.84
CA ILE C 12 -39.40 9.54 21.72
C ILE C 12 -39.82 9.02 23.10
N LYS C 13 -38.94 9.20 24.11
CA LYS C 13 -39.21 8.73 25.48
C LYS C 13 -39.56 9.90 26.33
N ILE C 14 -40.80 9.89 26.82
CA ILE C 14 -41.30 10.96 27.66
C ILE C 14 -41.38 10.45 29.08
N VAL C 15 -40.95 11.26 30.03
CA VAL C 15 -41.02 10.95 31.46
C VAL C 15 -41.67 12.13 32.14
N GLN C 16 -42.92 11.95 32.57
CA GLN C 16 -43.66 12.98 33.28
C GLN C 16 -43.47 12.76 34.77
N GLU C 17 -43.17 13.83 35.54
CA GLU C 17 -42.97 13.73 36.99
C GLU C 17 -43.86 14.71 37.74
N GLN C 18 -45.00 14.23 38.25
CA GLN C 18 -45.95 15.07 38.99
C GLN C 18 -46.02 14.68 40.46
N ASP C 19 -45.60 15.59 41.37
CA ASP C 19 -45.60 15.42 42.83
C ASP C 19 -45.15 14.01 43.24
N ASN C 20 -43.94 13.65 42.78
CA ASN C 20 -43.29 12.35 42.96
C ASN C 20 -44.17 11.20 42.40
N GLN C 21 -44.56 11.33 41.12
CA GLN C 21 -45.38 10.37 40.38
C GLN C 21 -44.83 10.24 38.95
N ARG C 22 -44.02 9.21 38.71
CA ARG C 22 -43.41 8.95 37.41
C ARG C 22 -44.35 8.26 36.42
N THR C 23 -44.33 8.75 35.17
CA THR C 23 -45.08 8.28 34.00
C THR C 23 -44.09 8.05 32.84
N PHE C 24 -44.23 6.92 32.14
CA PHE C 24 -43.32 6.59 31.05
C PHE C 24 -44.08 6.45 29.73
N LYS C 25 -44.15 7.54 28.94
CA LYS C 25 -44.84 7.61 27.64
C LYS C 25 -43.82 7.36 26.54
N THR C 26 -44.24 6.66 25.47
CA THR C 26 -43.35 6.28 24.34
C THR C 26 -43.99 6.38 22.92
N GLU C 27 -43.81 7.53 22.23
CA GLU C 27 -44.32 7.74 20.87
C GLU C 27 -43.18 7.69 19.84
N LEU C 28 -43.46 7.23 18.61
CA LEU C 28 -42.45 7.15 17.53
C LEU C 28 -41.89 8.51 17.15
N THR C 29 -40.62 8.54 16.64
CA THR C 29 -39.95 9.76 16.11
C THR C 29 -40.68 10.12 14.81
N LYS C 30 -41.22 9.09 14.12
CA LYS C 30 -42.05 9.18 12.92
C LYS C 30 -43.22 10.16 13.19
N ASN C 31 -43.84 10.08 14.39
CA ASN C 31 -44.98 10.91 14.82
C ASN C 31 -44.56 11.95 15.88
N ILE C 32 -43.48 12.68 15.58
CA ILE C 32 -42.95 13.77 16.41
C ILE C 32 -43.95 14.94 16.49
N ASP C 33 -44.70 15.21 15.39
CA ASP C 33 -45.70 16.27 15.25
C ASP C 33 -46.77 16.16 16.33
N GLN C 34 -47.21 14.91 16.64
CA GLN C 34 -48.21 14.62 17.67
C GLN C 34 -47.66 14.88 19.09
N VAL C 35 -46.33 14.70 19.29
CA VAL C 35 -45.62 14.90 20.58
C VAL C 35 -45.55 16.39 20.88
N VAL C 36 -45.29 17.20 19.84
CA VAL C 36 -45.21 18.66 19.93
C VAL C 36 -46.61 19.24 20.19
N GLU C 37 -47.64 18.71 19.49
CA GLU C 37 -49.07 19.06 19.60
C GLU C 37 -49.52 18.91 21.07
N TRP C 38 -49.20 17.74 21.70
CA TRP C 38 -49.51 17.35 23.08
C TRP C 38 -48.81 18.26 24.09
N LEU C 39 -47.49 18.47 23.92
CA LEU C 39 -46.65 19.30 24.78
C LEU C 39 -47.14 20.74 24.84
N ASN C 40 -47.59 21.27 23.68
CA ASN C 40 -48.11 22.63 23.52
C ASN C 40 -49.42 22.83 24.28
N GLN C 41 -50.21 21.76 24.41
CA GLN C 41 -51.49 21.76 25.05
C GLN C 41 -51.42 21.98 26.58
N GLN C 42 -50.27 21.73 27.26
CA GLN C 42 -50.25 21.95 28.71
C GLN C 42 -49.02 22.68 29.23
N GLN C 43 -49.21 23.35 30.38
CA GLN C 43 -48.18 24.05 31.14
C GLN C 43 -47.37 23.01 31.92
N ILE C 44 -46.08 23.05 31.65
CA ILE C 44 -45.06 22.22 32.25
C ILE C 44 -44.17 23.18 33.05
N GLU C 45 -43.98 22.90 34.35
CA GLU C 45 -43.15 23.70 35.26
C GLU C 45 -41.73 23.83 34.66
N LYS C 46 -41.07 22.68 34.40
CA LYS C 46 -39.74 22.62 33.78
C LYS C 46 -39.67 21.50 32.74
N LEU C 47 -39.23 21.87 31.52
CA LEU C 47 -39.08 21.00 30.37
C LEU C 47 -37.59 20.80 30.10
N CYS C 48 -37.19 19.54 29.96
CA CYS C 48 -35.82 19.16 29.66
C CYS C 48 -35.77 18.19 28.48
N LEU C 49 -34.92 18.52 27.49
CA LEU C 49 -34.77 17.77 26.25
C LEU C 49 -33.38 17.19 26.09
N THR C 50 -33.30 16.07 25.35
CA THR C 50 -32.06 15.33 25.04
C THR C 50 -32.24 14.44 23.79
N GLY C 51 -31.13 14.03 23.19
CA GLY C 51 -31.15 13.16 22.02
C GLY C 51 -31.18 13.91 20.71
N GLY C 52 -31.16 13.13 19.62
CA GLY C 52 -31.12 13.63 18.24
C GLY C 52 -32.13 14.69 17.84
N ASN C 53 -33.43 14.34 17.87
CA ASN C 53 -34.54 15.19 17.47
C ASN C 53 -35.03 16.12 18.56
N ALA C 54 -34.19 16.38 19.59
CA ALA C 54 -34.53 17.30 20.69
C ALA C 54 -34.67 18.74 20.18
N GLY C 55 -33.86 19.10 19.17
CA GLY C 55 -33.90 20.41 18.54
C GLY C 55 -35.18 20.67 17.78
N VAL C 56 -35.69 19.61 17.08
CA VAL C 56 -36.93 19.60 16.30
C VAL C 56 -38.10 20.02 17.18
N ILE C 57 -38.22 19.41 18.38
CA ILE C 57 -39.25 19.69 19.37
C ILE C 57 -39.09 21.13 19.84
N ALA C 58 -37.85 21.52 20.22
CA ALA C 58 -37.50 22.86 20.72
C ALA C 58 -37.89 23.97 19.76
N GLU C 59 -37.70 23.74 18.44
CA GLU C 59 -38.04 24.70 17.38
C GLU C 59 -39.56 24.90 17.24
N ASN C 60 -40.32 23.79 17.16
CA ASN C 60 -41.77 23.77 16.94
C ASN C 60 -42.60 23.96 18.22
N ILE C 61 -41.96 24.07 19.40
CA ILE C 61 -42.65 24.25 20.68
C ILE C 61 -42.80 25.74 21.04
N ASN C 62 -43.89 26.08 21.71
CA ASN C 62 -44.18 27.45 22.10
C ASN C 62 -44.07 27.63 23.63
N ILE C 63 -43.07 26.92 24.23
CA ILE C 63 -42.73 26.87 25.65
C ILE C 63 -41.20 26.78 25.77
N PRO C 64 -40.54 27.48 26.74
CA PRO C 64 -39.07 27.30 26.88
C PRO C 64 -38.69 25.90 27.31
N ALA C 65 -37.51 25.41 26.89
CA ALA C 65 -37.01 24.08 27.25
C ALA C 65 -35.48 24.00 27.26
N GLN C 66 -34.93 23.47 28.35
CA GLN C 66 -33.49 23.29 28.46
C GLN C 66 -33.07 22.06 27.61
N ILE C 67 -31.88 22.12 26.96
CA ILE C 67 -31.37 21.03 26.13
C ILE C 67 -30.05 20.50 26.69
N PHE C 68 -29.95 19.17 26.81
CA PHE C 68 -28.79 18.47 27.38
C PHE C 68 -28.23 17.42 26.44
N VAL C 69 -26.92 17.08 26.63
CA VAL C 69 -26.21 16.07 25.83
C VAL C 69 -26.71 14.67 26.27
N GLU C 70 -27.23 13.86 25.32
CA GLU C 70 -27.77 12.54 25.63
C GLU C 70 -26.80 11.64 26.37
N PHE C 71 -25.51 11.70 26.02
CA PHE C 71 -24.43 10.92 26.62
C PHE C 71 -24.34 11.15 28.13
N ASP C 72 -24.55 12.40 28.55
CA ASP C 72 -24.51 12.73 29.96
C ASP C 72 -25.84 12.41 30.65
N ALA C 73 -26.98 12.67 29.96
CA ALA C 73 -28.33 12.42 30.47
C ALA C 73 -28.53 10.93 30.76
N ALA C 74 -28.28 10.03 29.75
CA ALA C 74 -28.36 8.56 29.84
C ALA C 74 -27.64 8.03 31.08
N SER C 75 -26.41 8.52 31.32
CA SER C 75 -25.57 8.16 32.45
C SER C 75 -26.22 8.54 33.79
N GLN C 76 -26.78 9.79 33.85
CA GLN C 76 -27.45 10.33 35.05
C GLN C 76 -28.65 9.47 35.41
N GLY C 77 -29.56 9.30 34.46
CA GLY C 77 -30.77 8.49 34.62
C GLY C 77 -30.48 7.05 35.01
N LEU C 78 -29.41 6.45 34.41
CA LEU C 78 -29.03 5.07 34.70
C LEU C 78 -28.58 4.93 36.14
N GLY C 79 -27.81 5.90 36.62
CA GLY C 79 -27.40 5.93 38.01
C GLY C 79 -28.62 5.87 38.92
N ILE C 80 -29.61 6.77 38.66
CA ILE C 80 -30.92 6.91 39.36
C ILE C 80 -31.65 5.58 39.38
N LEU C 81 -31.91 4.99 38.19
CA LEU C 81 -32.57 3.68 38.00
C LEU C 81 -31.87 2.46 38.67
N LEU C 82 -30.50 2.37 38.58
CA LEU C 82 -29.73 1.29 39.20
C LEU C 82 -29.88 1.27 40.73
N LYS C 83 -29.62 2.43 41.40
CA LYS C 83 -29.69 2.56 42.87
C LYS C 83 -31.12 2.45 43.37
N GLU C 84 -32.12 2.81 42.52
CA GLU C 84 -33.54 2.63 42.82
C GLU C 84 -33.90 1.15 42.80
N GLN C 85 -33.33 0.40 41.85
CA GLN C 85 -33.54 -1.04 41.71
C GLN C 85 -32.56 -1.91 42.53
N GLY C 86 -31.85 -1.28 43.47
CA GLY C 86 -30.95 -1.95 44.40
C GLY C 86 -29.63 -2.44 43.85
N HIS C 87 -29.08 -1.73 42.84
CA HIS C 87 -27.77 -2.06 42.25
C HIS C 87 -26.77 -1.06 42.77
N ASP C 88 -25.78 -1.53 43.54
CA ASP C 88 -24.71 -0.67 44.06
C ASP C 88 -23.41 -1.03 43.33
N LEU C 89 -23.31 -0.67 42.02
CA LEU C 89 -22.13 -0.97 41.19
C LEU C 89 -21.13 0.19 41.20
N ALA C 90 -19.88 -0.10 41.64
CA ALA C 90 -18.79 0.89 41.72
C ALA C 90 -18.48 1.49 40.36
N ASP C 91 -18.31 0.60 39.36
CA ASP C 91 -18.00 0.87 37.95
C ASP C 91 -18.79 -0.09 37.07
N TYR C 92 -18.89 0.27 35.78
CA TYR C 92 -19.57 -0.53 34.76
C TYR C 92 -19.46 0.09 33.42
N ILE C 93 -19.67 -0.74 32.41
CA ILE C 93 -19.78 -0.38 31.01
C ILE C 93 -21.28 -0.32 30.76
N PHE C 94 -21.78 0.75 30.13
CA PHE C 94 -23.19 0.76 29.80
C PHE C 94 -23.38 0.90 28.32
N ALA C 95 -24.16 -0.01 27.74
CA ALA C 95 -24.42 -0.06 26.33
C ALA C 95 -25.80 0.49 26.08
N ASN C 96 -25.87 1.59 25.36
CA ASN C 96 -27.13 2.22 25.01
C ASN C 96 -27.47 1.72 23.61
N VAL C 97 -28.23 0.61 23.56
CA VAL C 97 -28.64 -0.09 22.34
C VAL C 97 -29.95 0.49 21.81
N GLY C 98 -29.83 1.57 21.05
CA GLY C 98 -30.96 2.27 20.42
C GLY C 98 -30.99 1.97 18.94
N THR C 99 -31.27 2.99 18.09
CA THR C 99 -31.26 2.86 16.62
C THR C 99 -29.90 2.28 16.21
N GLY C 100 -28.84 2.84 16.81
CA GLY C 100 -27.45 2.43 16.75
C GLY C 100 -26.99 2.26 18.18
N THR C 101 -25.82 1.62 18.40
CA THR C 101 -25.30 1.39 19.76
C THR C 101 -24.19 2.36 20.14
N SER C 102 -24.32 3.01 21.32
CA SER C 102 -23.32 3.96 21.89
C SER C 102 -22.75 3.41 23.21
N LEU C 103 -21.45 3.06 23.20
CA LEU C 103 -20.71 2.49 24.35
C LEU C 103 -20.07 3.48 25.30
N HIS C 104 -20.35 3.32 26.59
CA HIS C 104 -19.86 4.24 27.61
C HIS C 104 -19.26 3.52 28.79
N TYR C 105 -18.36 4.22 29.51
CA TYR C 105 -17.74 3.71 30.72
C TYR C 105 -18.00 4.68 31.87
N PHE C 106 -18.58 4.17 32.95
CA PHE C 106 -18.86 4.94 34.15
C PHE C 106 -17.93 4.49 35.29
N ASP C 107 -17.10 5.43 35.82
CA ASP C 107 -16.10 5.14 36.87
C ASP C 107 -16.52 5.56 38.29
N GLY C 108 -17.82 5.43 38.59
CA GLY C 108 -18.37 5.77 39.90
C GLY C 108 -18.60 7.26 40.14
N GLN C 109 -18.14 8.12 39.19
CA GLN C 109 -18.24 9.58 39.27
C GLN C 109 -18.84 10.22 38.03
N SER C 110 -18.40 9.81 36.81
CA SER C 110 -18.85 10.29 35.51
C SER C 110 -18.67 9.24 34.40
N GLN C 111 -19.29 9.49 33.23
CA GLN C 111 -19.20 8.61 32.07
C GLN C 111 -18.21 9.14 31.04
N ARG C 112 -17.82 8.28 30.11
CA ARG C 112 -16.97 8.61 28.99
C ARG C 112 -17.33 7.67 27.86
N ARG C 113 -17.64 8.22 26.68
CA ARG C 113 -17.97 7.43 25.48
C ARG C 113 -16.68 6.72 25.13
N VAL C 114 -16.71 5.39 25.09
CA VAL C 114 -15.48 4.63 24.81
C VAL C 114 -15.58 3.89 23.47
N GLY C 115 -16.77 3.88 22.90
CA GLY C 115 -17.05 3.28 21.60
C GLY C 115 -18.47 3.50 21.14
N GLY C 116 -18.77 2.89 20.00
CA GLY C 116 -20.06 2.90 19.34
C GLY C 116 -20.05 2.04 18.10
N ILE C 117 -21.20 1.59 17.66
CA ILE C 117 -21.34 0.74 16.47
C ILE C 117 -22.73 0.98 15.87
N GLY C 118 -22.86 0.71 14.57
CA GLY C 118 -24.10 0.88 13.84
C GLY C 118 -24.95 -0.36 13.83
N THR C 119 -24.69 -1.30 14.76
CA THR C 119 -25.48 -2.53 14.88
C THR C 119 -26.42 -2.43 16.10
N GLY C 120 -27.58 -1.84 15.90
CA GLY C 120 -28.57 -1.67 16.95
C GLY C 120 -29.93 -2.11 16.47
N GLY C 121 -30.97 -1.47 17.00
CA GLY C 121 -32.37 -1.72 16.67
C GLY C 121 -32.73 -1.31 15.25
N GLY C 122 -32.08 -0.25 14.77
CA GLY C 122 -32.23 0.26 13.42
C GLY C 122 -31.85 -0.78 12.39
N MET C 123 -30.88 -1.64 12.74
CA MET C 123 -30.45 -2.73 11.88
C MET C 123 -31.45 -3.89 11.95
N ILE C 124 -32.04 -4.14 13.14
CA ILE C 124 -33.04 -5.20 13.35
C ILE C 124 -34.27 -4.86 12.50
N GLN C 125 -34.66 -3.57 12.50
CA GLN C 125 -35.77 -3.04 11.74
C GLN C 125 -35.47 -2.97 10.23
N GLY C 126 -34.27 -2.46 9.89
CA GLY C 126 -33.81 -2.26 8.53
C GLY C 126 -33.56 -3.53 7.75
N LEU C 127 -32.58 -4.32 8.20
CA LEU C 127 -32.22 -5.60 7.57
C LEU C 127 -33.38 -6.59 7.74
N GLY C 128 -34.15 -6.43 8.83
CA GLY C 128 -35.34 -7.22 9.13
C GLY C 128 -36.35 -7.09 8.01
N TYR C 129 -36.65 -5.83 7.60
CA TYR C 129 -37.54 -5.54 6.49
C TYR C 129 -36.99 -6.12 5.18
N LEU C 130 -35.71 -5.92 4.84
CA LEU C 130 -35.16 -6.47 3.60
C LEU C 130 -35.19 -8.00 3.55
N LEU C 131 -35.24 -8.69 4.72
CA LEU C 131 -35.26 -10.17 4.78
C LEU C 131 -36.65 -10.79 5.11
N SER C 132 -37.63 -9.98 5.53
CA SER C 132 -38.96 -10.51 5.84
C SER C 132 -40.13 -9.73 5.18
N GLN C 133 -39.83 -8.48 4.78
CA GLN C 133 -40.69 -7.45 4.20
C GLN C 133 -41.74 -6.96 5.21
N ILE C 134 -41.58 -7.30 6.54
CA ILE C 134 -42.39 -6.86 7.69
C ILE C 134 -41.97 -5.45 8.14
N THR C 135 -42.92 -4.54 8.23
CA THR C 135 -42.67 -3.16 8.64
C THR C 135 -43.08 -2.94 10.08
N ASP C 136 -44.01 -3.78 10.60
CA ASP C 136 -44.46 -3.66 11.98
C ASP C 136 -43.39 -4.21 12.94
N TYR C 137 -42.94 -3.34 13.88
CA TYR C 137 -41.92 -3.65 14.88
C TYR C 137 -42.22 -4.92 15.70
N LYS C 138 -43.36 -4.93 16.43
CA LYS C 138 -43.87 -6.03 17.29
C LYS C 138 -43.84 -7.32 16.54
N GLN C 139 -44.47 -7.30 15.34
CA GLN C 139 -44.62 -8.40 14.40
C GLN C 139 -43.27 -8.99 14.00
N LEU C 140 -42.31 -8.11 13.65
CA LEU C 140 -40.97 -8.48 13.25
C LEU C 140 -40.21 -9.18 14.39
N THR C 141 -40.24 -8.60 15.60
CA THR C 141 -39.55 -9.09 16.77
C THR C 141 -40.16 -10.38 17.27
N ASP C 142 -41.52 -10.48 17.29
CA ASP C 142 -42.24 -11.67 17.77
C ASP C 142 -42.06 -12.87 16.87
N MET C 143 -41.95 -12.60 15.53
CA MET C 143 -41.77 -13.57 14.45
C MET C 143 -40.47 -14.29 14.61
N ALA C 144 -39.45 -13.50 14.99
CA ALA C 144 -38.03 -13.80 15.21
C ALA C 144 -37.70 -14.70 16.41
N GLN C 145 -38.52 -14.64 17.46
CA GLN C 145 -38.28 -15.36 18.73
C GLN C 145 -38.03 -16.86 18.59
N HIS C 146 -38.84 -17.65 17.85
CA HIS C 146 -38.55 -19.10 17.79
C HIS C 146 -37.93 -19.56 16.49
N GLY C 147 -37.33 -18.60 15.77
CA GLY C 147 -36.59 -18.85 14.54
C GLY C 147 -35.32 -19.63 14.84
N ASP C 148 -34.95 -20.53 13.91
CA ASP C 148 -33.77 -21.42 13.97
C ASP C 148 -32.62 -20.83 13.16
N ARG C 149 -31.41 -20.82 13.72
CA ARG C 149 -30.27 -20.25 13.02
C ARG C 149 -29.31 -21.30 12.45
N ASN C 150 -29.50 -22.63 12.75
CA ASN C 150 -28.65 -23.74 12.30
C ASN C 150 -28.30 -23.75 10.80
N THR C 151 -29.31 -23.55 9.95
CA THR C 151 -29.12 -23.52 8.49
C THR C 151 -28.50 -22.21 8.02
N ILE C 152 -28.55 -21.16 8.87
CA ILE C 152 -28.04 -19.82 8.52
C ILE C 152 -26.62 -19.54 9.09
N ASP C 153 -26.42 -19.55 10.43
CA ASP C 153 -25.13 -19.25 11.04
C ASP C 153 -24.20 -20.41 11.05
N LEU C 154 -22.90 -20.12 10.87
CA LEU C 154 -21.77 -21.05 10.88
C LEU C 154 -21.06 -20.95 12.22
N LYS C 155 -20.78 -22.11 12.82
CA LYS C 155 -20.10 -22.25 14.12
C LYS C 155 -18.63 -22.64 13.92
N VAL C 156 -17.78 -22.35 14.93
CA VAL C 156 -16.34 -22.70 14.94
C VAL C 156 -16.13 -24.21 14.64
N ARG C 157 -16.93 -25.09 15.31
CA ARG C 157 -16.88 -26.54 15.12
C ARG C 157 -17.17 -27.00 13.68
N HIS C 158 -17.95 -26.21 12.91
CA HIS C 158 -18.28 -26.55 11.52
C HIS C 158 -17.06 -26.40 10.62
N ILE C 159 -16.18 -25.42 10.94
CA ILE C 159 -14.95 -25.15 10.19
C ILE C 159 -13.89 -26.16 10.62
N TYR C 160 -13.68 -26.28 11.96
CA TYR C 160 -12.68 -27.14 12.55
C TYR C 160 -13.02 -28.62 12.48
N LYS C 161 -14.28 -28.99 12.14
CA LYS C 161 -14.71 -30.39 11.99
C LYS C 161 -14.25 -31.23 13.16
N ASP C 162 -13.53 -32.34 12.90
CA ASP C 162 -12.99 -33.25 13.91
C ASP C 162 -11.83 -32.63 14.72
N THR C 163 -10.99 -31.79 14.05
CA THR C 163 -9.83 -31.06 14.62
C THR C 163 -10.24 -30.24 15.88
N GLU C 164 -9.34 -30.19 16.88
CA GLU C 164 -9.60 -29.44 18.10
C GLU C 164 -9.54 -27.94 17.80
N PRO C 165 -10.64 -27.17 17.99
CA PRO C 165 -10.57 -25.72 17.70
C PRO C 165 -9.74 -24.92 18.73
N PRO C 166 -9.15 -23.76 18.35
CA PRO C 166 -8.34 -22.99 19.32
C PRO C 166 -9.17 -22.07 20.24
N ILE C 167 -10.47 -21.94 19.96
CA ILE C 167 -11.47 -21.17 20.73
C ILE C 167 -12.74 -22.06 20.81
N PRO C 168 -13.69 -21.84 21.77
CA PRO C 168 -14.85 -22.75 21.87
C PRO C 168 -15.55 -23.06 20.54
N GLY C 169 -15.70 -24.34 20.21
CA GLY C 169 -16.34 -24.81 18.97
C GLY C 169 -17.82 -24.46 18.80
N ASP C 170 -18.50 -24.24 19.91
CA ASP C 170 -19.92 -23.89 19.90
C ASP C 170 -20.13 -22.44 19.43
N LEU C 171 -19.09 -21.59 19.56
CA LEU C 171 -19.12 -20.19 19.19
C LEU C 171 -19.49 -19.98 17.75
N THR C 172 -20.07 -18.81 17.43
CA THR C 172 -20.42 -18.44 16.05
C THR C 172 -19.12 -18.00 15.35
N ALA C 173 -18.77 -18.72 14.27
CA ALA C 173 -17.61 -18.40 13.46
C ALA C 173 -18.01 -17.35 12.45
N ALA C 174 -19.09 -17.60 11.70
CA ALA C 174 -19.56 -16.70 10.67
C ALA C 174 -21.08 -16.62 10.58
N ASN C 175 -21.61 -15.42 10.84
CA ASN C 175 -23.01 -15.07 10.76
C ASN C 175 -23.43 -15.13 9.29
N PHE C 176 -24.50 -15.90 9.00
CA PHE C 176 -25.02 -16.16 7.66
C PHE C 176 -24.06 -17.09 6.89
N GLY C 177 -22.98 -17.50 7.55
CA GLY C 177 -21.94 -18.36 6.97
C GLY C 177 -22.39 -19.71 6.45
N HIS C 178 -23.48 -20.25 7.01
CA HIS C 178 -24.05 -21.54 6.62
C HIS C 178 -24.99 -21.45 5.43
N VAL C 179 -25.50 -20.25 5.12
CA VAL C 179 -26.45 -20.00 4.03
C VAL C 179 -26.07 -20.73 2.72
N LEU C 180 -24.81 -20.66 2.28
CA LEU C 180 -24.39 -21.32 1.04
C LEU C 180 -24.22 -22.86 1.13
N HIS C 181 -24.36 -23.45 2.33
CA HIS C 181 -24.31 -24.90 2.58
C HIS C 181 -25.72 -25.47 2.63
N HIS C 182 -26.73 -24.58 2.68
CA HIS C 182 -28.13 -24.91 2.81
C HIS C 182 -29.00 -24.29 1.72
N LEU C 183 -28.43 -24.15 0.51
CA LEU C 183 -29.11 -23.58 -0.66
C LEU C 183 -30.39 -24.36 -1.04
N ASP C 184 -30.43 -25.66 -0.70
CA ASP C 184 -31.54 -26.59 -0.90
C ASP C 184 -32.72 -26.19 0.01
N ALA C 185 -32.45 -26.08 1.33
CA ALA C 185 -33.41 -25.71 2.38
C ALA C 185 -33.94 -24.29 2.22
N ASP C 186 -35.24 -24.12 2.52
CA ASP C 186 -35.98 -22.86 2.47
C ASP C 186 -35.64 -21.99 3.68
N PHE C 187 -35.15 -20.77 3.41
CA PHE C 187 -34.84 -19.83 4.47
C PHE C 187 -36.09 -19.09 4.89
N THR C 188 -36.69 -19.55 5.99
CA THR C 188 -37.92 -19.04 6.62
C THR C 188 -37.71 -17.59 7.03
N PRO C 189 -38.71 -16.69 6.90
CA PRO C 189 -38.52 -15.31 7.40
C PRO C 189 -38.24 -15.26 8.92
N SER C 190 -38.60 -16.33 9.65
CA SER C 190 -38.37 -16.48 11.08
C SER C 190 -36.89 -16.79 11.33
N ASN C 191 -36.37 -17.82 10.64
CA ASN C 191 -34.99 -18.29 10.71
C ASN C 191 -34.04 -17.16 10.38
N LYS C 192 -34.36 -16.43 9.32
CA LYS C 192 -33.62 -15.27 8.83
C LYS C 192 -33.69 -14.15 9.84
N LEU C 193 -34.86 -13.85 10.39
CA LEU C 193 -34.99 -12.78 11.38
C LEU C 193 -34.25 -13.06 12.69
N ALA C 194 -34.20 -14.35 13.08
CA ALA C 194 -33.50 -14.77 14.30
C ALA C 194 -32.01 -14.42 14.14
N ALA C 195 -31.41 -14.78 12.96
CA ALA C 195 -30.02 -14.58 12.53
C ALA C 195 -29.54 -13.10 12.51
N VAL C 196 -30.47 -12.13 12.19
CA VAL C 196 -30.29 -10.65 12.19
C VAL C 196 -30.05 -10.22 13.64
N ILE C 197 -30.99 -10.61 14.53
CA ILE C 197 -30.96 -10.31 15.96
C ILE C 197 -29.74 -10.94 16.61
N GLY C 198 -29.43 -12.18 16.22
CA GLY C 198 -28.24 -12.91 16.65
C GLY C 198 -26.94 -12.16 16.39
N VAL C 199 -26.71 -11.73 15.11
CA VAL C 199 -25.53 -10.95 14.72
C VAL C 199 -25.50 -9.59 15.44
N VAL C 200 -26.63 -8.86 15.49
CA VAL C 200 -26.71 -7.57 16.19
C VAL C 200 -26.30 -7.77 17.68
N GLY C 201 -26.87 -8.80 18.31
CA GLY C 201 -26.58 -9.14 19.70
C GLY C 201 -25.13 -9.46 19.94
N GLU C 202 -24.57 -10.37 19.13
CA GLU C 202 -23.18 -10.81 19.18
C GLU C 202 -22.20 -9.67 18.95
N VAL C 203 -22.55 -8.69 18.11
CA VAL C 203 -21.67 -7.55 17.84
C VAL C 203 -21.69 -6.59 19.03
N VAL C 204 -22.89 -6.25 19.53
CA VAL C 204 -23.01 -5.38 20.71
C VAL C 204 -22.26 -5.98 21.90
N THR C 205 -22.50 -7.28 22.19
CA THR C 205 -21.86 -7.97 23.31
C THR C 205 -20.34 -8.04 23.16
N THR C 206 -19.82 -8.38 21.96
CA THR C 206 -18.37 -8.44 21.70
C THR C 206 -17.72 -7.10 21.97
N MET C 207 -18.34 -6.02 21.46
CA MET C 207 -17.86 -4.65 21.67
C MET C 207 -17.89 -4.28 23.15
N ALA C 208 -19.04 -4.58 23.80
CA ALA C 208 -19.25 -4.33 25.22
C ALA C 208 -18.25 -5.07 26.13
N ILE C 209 -18.00 -6.38 25.87
CA ILE C 209 -17.04 -7.17 26.64
C ILE C 209 -15.61 -6.70 26.39
N THR C 210 -15.33 -6.15 25.18
CA THR C 210 -13.99 -5.67 24.86
C THR C 210 -13.62 -4.45 25.71
N VAL C 211 -14.51 -3.43 25.73
CA VAL C 211 -14.27 -2.22 26.52
C VAL C 211 -14.36 -2.51 28.02
N ALA C 212 -15.22 -3.49 28.45
CA ALA C 212 -15.28 -3.91 29.85
C ALA C 212 -13.91 -4.40 30.30
N ARG C 213 -13.21 -5.14 29.42
CA ARG C 213 -11.84 -5.63 29.67
C ARG C 213 -10.87 -4.47 29.70
N GLU C 214 -10.97 -3.57 28.71
CA GLU C 214 -10.14 -2.36 28.57
C GLU C 214 -10.19 -1.44 29.80
N PHE C 215 -11.38 -1.18 30.35
CA PHE C 215 -11.51 -0.27 31.48
C PHE C 215 -11.65 -1.03 32.80
N LYS C 216 -11.11 -2.27 32.79
CA LYS C 216 -11.00 -3.21 33.91
C LYS C 216 -12.25 -3.19 34.78
N THR C 217 -13.34 -3.71 34.21
CA THR C 217 -14.65 -3.83 34.85
C THR C 217 -15.35 -5.09 34.37
N GLU C 218 -16.11 -5.70 35.26
CA GLU C 218 -16.85 -6.90 34.92
C GLU C 218 -18.34 -6.62 34.76
N ASN C 219 -18.79 -5.41 35.13
CA ASN C 219 -20.21 -5.05 35.03
C ASN C 219 -20.59 -4.40 33.70
N ILE C 220 -21.60 -4.96 33.03
CA ILE C 220 -22.12 -4.41 31.77
C ILE C 220 -23.62 -4.21 31.90
N VAL C 221 -24.07 -2.95 31.79
CA VAL C 221 -25.49 -2.59 31.89
C VAL C 221 -26.01 -2.29 30.49
N TYR C 222 -27.05 -3.01 30.07
CA TYR C 222 -27.62 -2.88 28.74
C TYR C 222 -28.92 -2.07 28.78
N ILE C 223 -29.00 -0.97 28.01
CA ILE C 223 -30.21 -0.11 27.96
C ILE C 223 -30.63 0.14 26.50
N GLY C 224 -31.76 0.83 26.31
CA GLY C 224 -32.32 1.12 24.99
C GLY C 224 -33.55 0.31 24.65
N SER C 225 -34.39 0.85 23.74
CA SER C 225 -35.64 0.21 23.32
C SER C 225 -35.48 -1.05 22.51
N SER C 226 -34.28 -1.29 21.95
CA SER C 226 -34.01 -2.49 21.15
C SER C 226 -34.32 -3.77 21.95
N PHE C 227 -34.34 -3.65 23.30
CA PHE C 227 -34.62 -4.76 24.20
C PHE C 227 -36.11 -5.01 24.42
N HIS C 228 -36.97 -3.97 24.18
CA HIS C 228 -38.42 -4.02 24.31
C HIS C 228 -38.99 -5.01 23.27
N ASN C 229 -39.81 -5.98 23.72
CA ASN C 229 -40.46 -7.03 22.92
C ASN C 229 -39.48 -7.99 22.22
N ASN C 230 -38.16 -7.82 22.42
CA ASN C 230 -37.16 -8.72 21.86
C ASN C 230 -36.42 -9.47 22.96
N ALA C 231 -37.07 -10.53 23.50
CA ALA C 231 -36.54 -11.43 24.53
C ALA C 231 -35.35 -12.26 23.98
N LEU C 232 -35.41 -12.62 22.67
CA LEU C 232 -34.33 -13.33 21.99
C LEU C 232 -33.02 -12.51 22.04
N LEU C 233 -33.04 -11.22 21.63
CA LEU C 233 -31.86 -10.33 21.73
C LEU C 233 -31.30 -10.28 23.16
N ARG C 234 -32.20 -10.13 24.15
CA ARG C 234 -31.84 -10.13 25.58
C ARG C 234 -31.06 -11.38 25.94
N LYS C 235 -31.58 -12.61 25.59
CA LYS C 235 -30.88 -13.87 25.88
C LYS C 235 -29.56 -13.98 25.11
N VAL C 236 -29.55 -13.58 23.81
CA VAL C 236 -28.36 -13.59 22.96
C VAL C 236 -27.23 -12.83 23.66
N VAL C 237 -27.54 -11.58 24.08
CA VAL C 237 -26.64 -10.64 24.77
C VAL C 237 -26.22 -11.20 26.11
N GLU C 238 -27.21 -11.52 26.96
CA GLU C 238 -27.04 -12.03 28.32
C GLU C 238 -26.12 -13.24 28.38
N ASP C 239 -26.40 -14.28 27.55
CA ASP C 239 -25.64 -15.52 27.47
C ASP C 239 -24.18 -15.33 27.05
N TYR C 240 -23.94 -14.45 26.06
CA TYR C 240 -22.57 -14.20 25.64
C TYR C 240 -21.79 -13.43 26.69
N THR C 241 -22.39 -12.38 27.33
CA THR C 241 -21.74 -11.57 28.39
C THR C 241 -21.18 -12.48 29.48
N VAL C 242 -22.02 -13.37 29.97
CA VAL C 242 -21.70 -14.41 30.96
C VAL C 242 -20.49 -15.27 30.46
N LEU C 243 -20.59 -15.85 29.27
CA LEU C 243 -19.55 -16.66 28.62
C LEU C 243 -18.20 -15.94 28.51
N ARG C 244 -18.23 -14.60 28.41
CA ARG C 244 -17.06 -13.73 28.31
C ARG C 244 -16.64 -13.22 29.70
N GLY C 245 -17.06 -13.93 30.74
CA GLY C 245 -16.74 -13.66 32.12
C GLY C 245 -17.16 -12.29 32.62
N CYS C 246 -18.34 -11.82 32.16
CA CYS C 246 -18.85 -10.52 32.60
C CYS C 246 -20.20 -10.64 33.24
N LYS C 247 -20.61 -9.63 34.00
CA LYS C 247 -21.89 -9.61 34.69
C LYS C 247 -22.90 -8.74 33.91
N PRO C 248 -23.88 -9.35 33.21
CA PRO C 248 -24.87 -8.53 32.48
C PRO C 248 -25.93 -7.96 33.42
N TYR C 249 -26.45 -6.76 33.09
CA TYR C 249 -27.49 -6.07 33.87
C TYR C 249 -28.52 -5.43 32.96
N TYR C 250 -29.80 -5.60 33.32
CA TYR C 250 -30.93 -5.01 32.62
C TYR C 250 -31.72 -4.19 33.62
N VAL C 251 -31.79 -2.86 33.43
CA VAL C 251 -32.55 -2.02 34.35
C VAL C 251 -34.01 -1.81 33.84
N GLU C 252 -35.01 -1.84 34.75
CA GLU C 252 -36.42 -1.58 34.43
C GLU C 252 -36.54 -0.09 34.01
N ASN C 253 -37.20 0.17 32.85
CA ASN C 253 -37.34 1.50 32.25
C ASN C 253 -35.97 2.10 31.89
N GLY C 254 -34.99 1.24 31.63
CA GLY C 254 -33.64 1.60 31.22
C GLY C 254 -33.58 2.39 29.92
N ALA C 255 -34.54 2.16 28.98
CA ALA C 255 -34.67 2.90 27.72
C ALA C 255 -35.12 4.38 27.98
N PHE C 256 -35.42 4.72 29.25
CA PHE C 256 -35.82 6.07 29.66
C PHE C 256 -34.70 6.81 30.42
N SER C 257 -33.48 6.18 30.50
CA SER C 257 -32.28 6.70 31.15
C SER C 257 -31.99 8.13 30.68
N GLY C 258 -32.05 8.32 29.35
CA GLY C 258 -31.90 9.61 28.69
C GLY C 258 -32.88 10.60 29.27
N ALA C 259 -34.18 10.36 29.04
CA ALA C 259 -35.29 11.20 29.51
C ALA C 259 -35.25 11.54 31.00
N ILE C 260 -34.98 10.55 31.88
CA ILE C 260 -34.90 10.74 33.35
C ILE C 260 -33.74 11.69 33.68
N GLY C 261 -32.59 11.43 33.04
CA GLY C 261 -31.35 12.20 33.19
C GLY C 261 -31.50 13.68 32.89
N ALA C 262 -32.27 14.01 31.83
CA ALA C 262 -32.57 15.39 31.43
C ALA C 262 -33.20 16.16 32.58
N LEU C 263 -34.16 15.56 33.29
CA LEU C 263 -34.82 16.19 34.44
C LEU C 263 -33.88 16.47 35.61
N TYR C 264 -32.93 15.55 35.88
CA TYR C 264 -31.98 15.69 37.00
C TYR C 264 -30.54 16.13 36.60
N LEU C 265 -30.42 17.21 35.84
CA LEU C 265 -29.14 17.82 35.42
C LEU C 265 -29.27 19.35 35.45
N GLU C 266 -30.53 19.81 35.26
CA GLU C 266 -30.98 21.20 35.32
C GLU C 266 -30.86 21.69 36.78
N LYS C 267 -31.27 20.82 37.74
CA LYS C 267 -31.25 21.07 39.18
C LYS C 267 -30.24 20.16 39.88
N MET D 1 44.31 41.58 -14.60
CA MET D 1 43.90 40.23 -14.98
C MET D 1 42.48 39.92 -14.53
N LYS D 2 41.65 39.35 -15.41
CA LYS D 2 40.28 38.97 -15.05
C LYS D 2 40.25 37.45 -14.88
N VAL D 3 39.74 36.96 -13.73
CA VAL D 3 39.75 35.51 -13.45
C VAL D 3 38.39 34.95 -12.98
N GLY D 4 38.00 33.82 -13.59
CA GLY D 4 36.78 33.09 -13.27
C GLY D 4 37.11 31.70 -12.74
N ILE D 5 36.40 31.27 -11.67
CA ILE D 5 36.64 29.94 -11.06
C ILE D 5 35.35 29.15 -10.83
N ASP D 6 35.37 27.90 -11.32
CA ASP D 6 34.29 26.96 -11.09
C ASP D 6 34.92 25.92 -10.15
N ALA D 7 34.67 26.08 -8.83
CA ALA D 7 35.20 25.13 -7.88
C ALA D 7 34.12 24.11 -7.56
N GLY D 8 34.14 23.02 -8.32
CA GLY D 8 33.17 21.94 -8.14
C GLY D 8 33.51 20.97 -7.04
N GLY D 9 32.85 19.82 -7.06
CA GLY D 9 33.08 18.77 -6.08
C GLY D 9 34.38 18.02 -6.29
N THR D 10 34.88 17.97 -7.55
CA THR D 10 36.11 17.24 -7.89
C THR D 10 37.17 18.15 -8.49
N LEU D 11 36.79 19.01 -9.43
CA LEU D 11 37.80 19.87 -10.07
C LEU D 11 37.51 21.37 -9.98
N ILE D 12 38.59 22.16 -9.85
CA ILE D 12 38.56 23.63 -9.79
C ILE D 12 39.10 24.07 -11.14
N LYS D 13 38.19 24.61 -11.98
CA LYS D 13 38.46 25.06 -13.34
C LYS D 13 38.70 26.56 -13.29
N ILE D 14 39.91 26.94 -13.76
CA ILE D 14 40.38 28.32 -13.75
C ILE D 14 40.40 28.89 -15.16
N VAL D 15 40.08 30.16 -15.26
CA VAL D 15 40.05 30.92 -16.50
C VAL D 15 40.74 32.25 -16.23
N GLN D 16 41.83 32.50 -16.92
CA GLN D 16 42.54 33.77 -16.78
C GLN D 16 42.36 34.54 -18.10
N GLU D 17 41.72 35.72 -18.01
CA GLU D 17 41.44 36.59 -19.15
C GLU D 17 42.47 37.73 -19.19
N GLN D 18 43.31 37.73 -20.25
CA GLN D 18 44.37 38.73 -20.50
C GLN D 18 44.28 39.30 -21.95
N ASP D 19 43.19 40.09 -22.17
CA ASP D 19 42.71 40.79 -23.38
C ASP D 19 43.23 40.24 -24.70
N ASN D 20 42.34 39.51 -25.40
CA ASN D 20 42.54 38.79 -26.66
C ASN D 20 43.17 37.39 -26.42
N GLN D 21 43.85 37.19 -25.24
CA GLN D 21 44.49 35.91 -24.91
C GLN D 21 44.04 35.32 -23.55
N ARG D 22 43.25 34.21 -23.62
CA ARG D 22 42.64 33.44 -22.54
C ARG D 22 43.49 32.20 -22.21
N THR D 23 43.54 31.85 -20.90
CA THR D 23 44.29 30.72 -20.31
C THR D 23 43.32 29.75 -19.62
N PHE D 24 43.60 28.42 -19.74
CA PHE D 24 42.80 27.35 -19.11
C PHE D 24 43.63 26.48 -18.14
N LYS D 25 43.26 26.51 -16.85
CA LYS D 25 43.94 25.82 -15.75
C LYS D 25 42.95 24.90 -15.05
N THR D 26 43.43 23.71 -14.60
CA THR D 26 42.60 22.70 -13.93
C THR D 26 43.21 22.05 -12.65
N GLU D 27 43.07 22.69 -11.47
CA GLU D 27 43.57 22.07 -10.23
C GLU D 27 42.44 21.31 -9.50
N LEU D 28 42.79 20.20 -8.82
CA LEU D 28 41.83 19.39 -8.07
C LEU D 28 41.18 20.17 -6.92
N THR D 29 39.91 19.80 -6.54
CA THR D 29 39.19 20.36 -5.40
C THR D 29 39.92 19.87 -4.13
N LYS D 30 40.52 18.67 -4.23
CA LYS D 30 41.35 18.01 -3.23
C LYS D 30 42.45 18.99 -2.78
N ASN D 31 43.06 19.73 -3.74
CA ASN D 31 44.14 20.69 -3.50
C ASN D 31 43.67 22.14 -3.63
N ILE D 32 42.54 22.48 -2.97
CA ILE D 32 41.97 23.84 -2.96
C ILE D 32 42.89 24.83 -2.18
N ASP D 33 43.54 24.33 -1.10
CA ASP D 33 44.48 25.09 -0.25
C ASP D 33 45.65 25.65 -1.08
N GLN D 34 46.18 24.80 -1.99
CA GLN D 34 47.27 25.04 -2.94
C GLN D 34 46.96 26.18 -3.91
N VAL D 35 45.67 26.39 -4.26
CA VAL D 35 45.28 27.43 -5.24
C VAL D 35 44.70 28.70 -4.57
N VAL D 36 44.28 28.65 -3.29
CA VAL D 36 43.83 29.88 -2.60
C VAL D 36 45.12 30.70 -2.39
N GLU D 37 46.24 29.96 -2.22
CA GLU D 37 47.62 30.42 -2.11
C GLU D 37 47.98 31.12 -3.44
N TRP D 38 47.76 30.42 -4.60
CA TRP D 38 48.02 30.89 -5.96
C TRP D 38 47.35 32.25 -6.24
N LEU D 39 46.01 32.32 -6.04
CA LEU D 39 45.18 33.52 -6.23
C LEU D 39 45.65 34.71 -5.40
N ASN D 40 46.23 34.41 -4.23
CA ASN D 40 46.82 35.38 -3.32
C ASN D 40 48.32 35.56 -3.68
N GLN D 41 48.56 36.14 -4.88
CA GLN D 41 49.85 36.50 -5.49
C GLN D 41 49.65 37.02 -6.93
N GLN D 42 48.38 37.29 -7.31
CA GLN D 42 48.04 37.78 -8.65
C GLN D 42 47.39 39.16 -8.63
N GLN D 43 47.56 39.88 -9.75
CA GLN D 43 47.01 41.21 -10.00
C GLN D 43 45.64 41.04 -10.67
N ILE D 44 44.65 40.55 -9.90
CA ILE D 44 43.30 40.33 -10.41
C ILE D 44 42.43 41.60 -10.33
N GLU D 45 42.11 42.19 -11.51
CA GLU D 45 41.27 43.37 -11.66
C GLU D 45 39.85 43.02 -11.24
N LYS D 46 39.35 41.83 -11.67
CA LYS D 46 38.02 41.32 -11.34
C LYS D 46 38.01 39.81 -11.18
N LEU D 47 37.49 39.34 -10.03
CA LEU D 47 37.38 37.93 -9.64
C LEU D 47 35.92 37.51 -9.60
N CYS D 48 35.62 36.39 -10.26
CA CYS D 48 34.29 35.82 -10.30
C CYS D 48 34.31 34.34 -9.95
N LEU D 49 33.45 33.94 -9.00
CA LEU D 49 33.38 32.58 -8.50
C LEU D 49 32.05 31.92 -8.75
N THR D 50 32.05 30.57 -8.86
CA THR D 50 30.88 29.73 -9.10
C THR D 50 31.12 28.30 -8.63
N GLY D 51 30.03 27.58 -8.39
CA GLY D 51 30.09 26.19 -7.96
C GLY D 51 30.06 25.93 -6.46
N GLY D 52 30.20 24.67 -6.11
CA GLY D 52 30.18 24.17 -4.73
C GLY D 52 31.14 24.80 -3.75
N ASN D 53 32.45 24.61 -4.00
CA ASN D 53 33.53 25.10 -3.15
C ASN D 53 33.93 26.56 -3.43
N ALA D 54 33.06 27.34 -4.11
CA ALA D 54 33.30 28.75 -4.40
C ALA D 54 33.37 29.60 -3.11
N GLY D 55 32.57 29.21 -2.10
CA GLY D 55 32.53 29.85 -0.80
C GLY D 55 33.82 29.68 -0.03
N VAL D 56 34.42 28.46 -0.12
CA VAL D 56 35.67 28.06 0.51
C VAL D 56 36.80 29.02 0.10
N ILE D 57 36.91 29.27 -1.23
CA ILE D 57 37.89 30.18 -1.84
C ILE D 57 37.64 31.60 -1.37
N ALA D 58 36.37 32.04 -1.38
CA ALA D 58 35.93 33.38 -0.98
C ALA D 58 36.27 33.70 0.49
N GLU D 59 36.12 32.70 1.39
CA GLU D 59 36.40 32.82 2.81
C GLU D 59 37.90 33.00 3.09
N ASN D 60 38.74 32.12 2.52
CA ASN D 60 40.19 32.09 2.72
C ASN D 60 41.00 33.07 1.84
N ILE D 61 40.33 33.82 0.94
CA ILE D 61 41.00 34.77 0.05
C ILE D 61 41.04 36.18 0.66
N ASN D 62 42.12 36.92 0.35
CA ASN D 62 42.32 38.29 0.85
C ASN D 62 42.10 39.33 -0.26
N ILE D 63 41.14 39.05 -1.18
CA ILE D 63 40.73 39.86 -2.33
C ILE D 63 39.19 39.72 -2.47
N PRO D 64 38.41 40.80 -2.72
CA PRO D 64 36.95 40.62 -2.92
C PRO D 64 36.65 39.83 -4.20
N ALA D 65 35.51 39.13 -4.23
CA ALA D 65 35.11 38.31 -5.37
C ALA D 65 33.59 38.14 -5.48
N GLN D 66 33.05 38.30 -6.70
CA GLN D 66 31.62 38.16 -6.99
C GLN D 66 31.26 36.67 -7.11
N ILE D 67 30.18 36.23 -6.43
CA ILE D 67 29.77 34.82 -6.46
C ILE D 67 28.48 34.67 -7.27
N PHE D 68 28.48 33.69 -8.19
CA PHE D 68 27.36 33.42 -9.10
C PHE D 68 26.89 31.97 -9.00
N VAL D 69 25.62 31.71 -9.37
CA VAL D 69 25.02 30.37 -9.36
C VAL D 69 25.59 29.57 -10.55
N GLU D 70 26.17 28.38 -10.24
CA GLU D 70 26.78 27.43 -11.18
C GLU D 70 25.91 27.13 -12.39
N PHE D 71 24.60 27.04 -12.20
CA PHE D 71 23.65 26.74 -13.26
C PHE D 71 23.57 27.85 -14.27
N ASP D 72 23.52 29.11 -13.81
CA ASP D 72 23.45 30.26 -14.69
C ASP D 72 24.78 30.52 -15.40
N ALA D 73 25.92 30.36 -14.68
CA ALA D 73 27.27 30.55 -15.21
C ALA D 73 27.54 29.59 -16.37
N ALA D 74 27.36 28.26 -16.16
CA ALA D 74 27.52 27.18 -17.15
C ALA D 74 26.77 27.48 -18.44
N SER D 75 25.52 28.01 -18.34
CA SER D 75 24.69 28.38 -19.47
C SER D 75 25.31 29.54 -20.25
N GLN D 76 25.77 30.60 -19.52
CA GLN D 76 26.39 31.81 -20.08
C GLN D 76 27.65 31.45 -20.86
N GLY D 77 28.60 30.81 -20.18
CA GLY D 77 29.87 30.40 -20.77
C GLY D 77 29.67 29.46 -21.95
N LEU D 78 28.69 28.52 -21.81
CA LEU D 78 28.38 27.59 -22.87
C LEU D 78 27.95 28.34 -24.11
N GLY D 79 27.13 29.38 -23.93
CA GLY D 79 26.70 30.25 -25.02
C GLY D 79 27.84 30.98 -25.74
N ILE D 80 28.86 31.41 -24.97
CA ILE D 80 30.06 32.10 -25.45
C ILE D 80 30.86 31.11 -26.27
N LEU D 81 31.22 29.95 -25.68
CA LEU D 81 31.96 28.86 -26.34
C LEU D 81 31.24 28.33 -27.61
N LEU D 82 29.92 28.12 -27.53
CA LEU D 82 29.10 27.64 -28.65
C LEU D 82 29.21 28.57 -29.85
N LYS D 83 28.93 29.86 -29.65
CA LYS D 83 29.01 30.89 -30.70
C LYS D 83 30.43 30.97 -31.31
N GLU D 84 31.47 31.06 -30.42
CA GLU D 84 32.90 31.11 -30.75
C GLU D 84 33.32 29.98 -31.68
N GLN D 85 32.81 28.77 -31.43
CA GLN D 85 33.07 27.55 -32.20
C GLN D 85 32.12 27.36 -33.40
N GLY D 86 31.38 28.41 -33.75
CA GLY D 86 30.50 28.42 -34.91
C GLY D 86 29.17 27.69 -34.78
N HIS D 87 28.65 27.56 -33.54
CA HIS D 87 27.37 26.90 -33.27
C HIS D 87 26.35 28.00 -32.97
N ASP D 88 25.37 28.15 -33.88
CA ASP D 88 24.28 29.10 -33.71
C ASP D 88 22.99 28.28 -33.51
N LEU D 89 22.86 27.64 -32.32
CA LEU D 89 21.71 26.81 -31.99
C LEU D 89 20.62 27.61 -31.27
N ALA D 90 19.41 27.61 -31.85
CA ALA D 90 18.23 28.31 -31.33
C ALA D 90 17.88 27.93 -29.90
N ASP D 91 17.69 26.62 -29.64
CA ASP D 91 17.32 26.09 -28.34
C ASP D 91 17.99 24.74 -28.13
N TYR D 92 18.47 24.45 -26.92
CA TYR D 92 19.16 23.18 -26.68
C TYR D 92 19.04 22.63 -25.29
N ILE D 93 19.28 21.30 -25.17
CA ILE D 93 19.37 20.65 -23.87
C ILE D 93 20.88 20.61 -23.60
N PHE D 94 21.31 21.04 -22.42
CA PHE D 94 22.73 20.91 -22.13
C PHE D 94 22.93 20.10 -20.89
N ALA D 95 23.77 19.06 -20.98
CA ALA D 95 24.06 18.15 -19.89
C ALA D 95 25.40 18.49 -19.34
N ASN D 96 25.42 18.90 -18.09
CA ASN D 96 26.65 19.24 -17.41
C ASN D 96 27.05 17.98 -16.62
N VAL D 97 27.86 17.11 -17.25
CA VAL D 97 28.32 15.84 -16.73
C VAL D 97 29.63 16.01 -15.92
N GLY D 98 29.48 16.41 -14.66
CA GLY D 98 30.59 16.60 -13.71
C GLY D 98 30.68 15.43 -12.75
N THR D 99 30.96 15.72 -11.43
CA THR D 99 30.97 14.68 -10.37
C THR D 99 29.63 13.93 -10.45
N GLY D 100 28.57 14.72 -10.64
CA GLY D 100 27.20 14.33 -10.88
C GLY D 100 26.68 15.05 -12.10
N THR D 101 25.54 14.60 -12.64
CA THR D 101 24.96 15.17 -13.87
C THR D 101 23.80 16.13 -13.58
N SER D 102 23.83 17.31 -14.24
CA SER D 102 22.84 18.37 -14.13
C SER D 102 22.29 18.78 -15.50
N LEU D 103 21.02 18.40 -15.77
CA LEU D 103 20.28 18.61 -17.04
C LEU D 103 19.59 19.96 -17.13
N HIS D 104 19.77 20.63 -18.26
CA HIS D 104 19.24 21.98 -18.47
C HIS D 104 18.61 22.22 -19.81
N TYR D 105 17.69 23.18 -19.87
CA TYR D 105 17.07 23.54 -21.14
C TYR D 105 17.24 25.04 -21.38
N PHE D 106 17.79 25.38 -22.56
CA PHE D 106 18.02 26.76 -22.99
C PHE D 106 17.11 27.09 -24.17
N ASP D 107 16.24 28.09 -24.00
CA ASP D 107 15.26 28.48 -25.02
C ASP D 107 15.66 29.71 -25.86
N GLY D 108 16.95 29.85 -26.14
CA GLY D 108 17.48 30.96 -26.93
C GLY D 108 17.61 32.28 -26.21
N GLN D 109 17.29 32.29 -24.89
CA GLN D 109 17.29 33.47 -24.04
C GLN D 109 17.93 33.16 -22.69
N SER D 110 17.40 32.13 -21.99
CA SER D 110 17.85 31.69 -20.69
C SER D 110 17.73 30.16 -20.49
N GLN D 111 18.34 29.64 -19.41
CA GLN D 111 18.30 28.22 -19.04
C GLN D 111 17.28 27.97 -17.94
N ARG D 112 16.91 26.70 -17.80
CA ARG D 112 16.06 26.22 -16.72
C ARG D 112 16.48 24.80 -16.43
N ARG D 113 16.82 24.51 -15.16
CA ARG D 113 17.22 23.16 -14.78
C ARG D 113 15.96 22.29 -14.87
N VAL D 114 16.02 21.28 -15.73
CA VAL D 114 14.86 20.43 -15.99
C VAL D 114 15.06 19.04 -15.39
N GLY D 115 16.23 18.80 -14.80
CA GLY D 115 16.56 17.53 -14.16
C GLY D 115 17.97 17.43 -13.62
N GLY D 116 18.29 16.25 -13.08
CA GLY D 116 19.57 15.86 -12.52
C GLY D 116 19.64 14.38 -12.21
N ILE D 117 20.84 13.83 -12.18
CA ILE D 117 21.07 12.42 -11.84
C ILE D 117 22.44 12.30 -11.16
N GLY D 118 22.60 11.27 -10.34
CA GLY D 118 23.84 11.01 -9.63
C GLY D 118 24.79 10.12 -10.41
N THR D 119 24.57 9.98 -11.74
CA THR D 119 25.41 9.14 -12.60
C THR D 119 26.32 10.02 -13.44
N GLY D 120 27.45 10.41 -12.88
CA GLY D 120 28.44 11.24 -13.54
C GLY D 120 29.82 10.65 -13.40
N GLY D 121 30.81 11.54 -13.38
CA GLY D 121 32.22 11.20 -13.24
C GLY D 121 32.58 10.64 -11.88
N GLY D 122 31.89 11.13 -10.84
CA GLY D 122 32.03 10.67 -9.48
C GLY D 122 31.70 9.19 -9.36
N MET D 123 30.77 8.71 -10.21
CA MET D 123 30.40 7.29 -10.26
C MET D 123 31.45 6.49 -11.00
N ILE D 124 32.04 7.08 -12.08
CA ILE D 124 33.10 6.44 -12.89
C ILE D 124 34.32 6.20 -11.99
N GLN D 125 34.64 7.22 -11.16
CA GLN D 125 35.74 7.19 -10.22
C GLN D 125 35.44 6.27 -9.03
N GLY D 126 34.23 6.39 -8.47
CA GLY D 126 33.78 5.66 -7.28
C GLY D 126 33.59 4.18 -7.49
N LEU D 127 32.66 3.81 -8.36
CA LEU D 127 32.39 2.41 -8.70
C LEU D 127 33.61 1.80 -9.43
N GLY D 128 34.34 2.67 -10.15
CA GLY D 128 35.57 2.31 -10.86
C GLY D 128 36.60 1.76 -9.90
N TYR D 129 36.82 2.48 -8.77
CA TYR D 129 37.72 2.05 -7.71
C TYR D 129 37.25 0.73 -7.09
N LEU D 130 35.96 0.60 -6.73
CA LEU D 130 35.47 -0.65 -6.13
C LEU D 130 35.59 -1.86 -7.07
N LEU D 131 35.67 -1.64 -8.40
CA LEU D 131 35.77 -2.73 -9.39
C LEU D 131 37.18 -2.92 -10.00
N SER D 132 38.13 -2.00 -9.75
CA SER D 132 39.49 -2.11 -10.31
C SER D 132 40.62 -1.68 -9.32
N GLN D 133 40.21 -1.19 -8.14
CA GLN D 133 41.02 -0.69 -7.05
C GLN D 133 42.02 0.39 -7.47
N ILE D 134 41.85 0.96 -8.71
CA ILE D 134 42.64 2.03 -9.37
C ILE D 134 42.11 3.38 -8.89
N THR D 135 43.00 4.20 -8.35
CA THR D 135 42.71 5.53 -7.78
C THR D 135 43.09 6.65 -8.73
N ASP D 136 44.06 6.39 -9.63
CA ASP D 136 44.50 7.38 -10.62
C ASP D 136 43.45 7.51 -11.73
N TYR D 137 42.94 8.74 -11.91
CA TYR D 137 41.91 9.05 -12.89
C TYR D 137 42.25 8.62 -14.33
N LYS D 138 43.35 9.13 -14.92
CA LYS D 138 43.71 8.86 -16.32
C LYS D 138 43.99 7.37 -16.56
N GLN D 139 44.58 6.68 -15.54
CA GLN D 139 44.86 5.24 -15.51
C GLN D 139 43.54 4.46 -15.59
N LEU D 140 42.53 4.90 -14.79
CA LEU D 140 41.21 4.29 -14.70
C LEU D 140 40.46 4.41 -16.04
N THR D 141 40.39 5.64 -16.61
CA THR D 141 39.67 5.93 -17.84
C THR D 141 40.38 5.30 -19.03
N ASP D 142 41.76 5.28 -19.05
CA ASP D 142 42.53 4.68 -20.18
C ASP D 142 42.45 3.17 -20.24
N MET D 143 42.37 2.53 -19.05
CA MET D 143 42.26 1.10 -18.82
C MET D 143 40.97 0.58 -19.45
N ALA D 144 39.90 1.37 -19.27
CA ALA D 144 38.50 1.19 -19.66
C ALA D 144 38.22 1.29 -21.16
N GLN D 145 39.06 1.98 -21.93
CA GLN D 145 38.86 2.23 -23.35
C GLN D 145 38.71 0.97 -24.22
N HIS D 146 39.60 -0.04 -24.22
CA HIS D 146 39.33 -1.17 -25.12
C HIS D 146 38.76 -2.41 -24.42
N GLY D 147 38.15 -2.18 -23.23
CA GLY D 147 37.43 -3.20 -22.46
C GLY D 147 36.15 -3.62 -23.16
N ASP D 148 35.82 -4.92 -23.06
CA ASP D 148 34.69 -5.61 -23.70
C ASP D 148 33.52 -5.73 -22.72
N ARG D 149 32.30 -5.42 -23.18
CA ARG D 149 31.13 -5.50 -22.31
C ARG D 149 30.24 -6.72 -22.57
N ASN D 150 30.49 -7.52 -23.64
CA ASN D 150 29.69 -8.72 -24.02
C ASN D 150 29.36 -9.69 -22.89
N THR D 151 30.37 -10.04 -22.08
CA THR D 151 30.21 -10.96 -20.94
C THR D 151 29.55 -10.29 -19.75
N ILE D 152 29.52 -8.93 -19.73
CA ILE D 152 28.96 -8.15 -18.63
C ILE D 152 27.52 -7.64 -18.90
N ASP D 153 27.29 -6.83 -19.95
CA ASP D 153 25.97 -6.29 -20.25
C ASP D 153 25.10 -7.23 -21.03
N LEU D 154 23.79 -7.19 -20.73
CA LEU D 154 22.72 -7.96 -21.36
C LEU D 154 21.98 -7.07 -22.33
N LYS D 155 21.75 -7.59 -23.55
CA LYS D 155 21.07 -6.91 -24.66
C LYS D 155 19.64 -7.41 -24.78
N VAL D 156 18.75 -6.59 -25.39
CA VAL D 156 17.34 -6.92 -25.65
C VAL D 156 17.22 -8.30 -26.39
N ARG D 157 18.06 -8.51 -27.45
CA ARG D 157 18.08 -9.75 -28.23
C ARG D 157 18.40 -11.00 -27.40
N HIS D 158 19.17 -10.84 -26.27
CA HIS D 158 19.52 -11.97 -25.41
C HIS D 158 18.31 -12.48 -24.67
N ILE D 159 17.38 -11.56 -24.31
CA ILE D 159 16.13 -11.87 -23.59
C ILE D 159 15.13 -12.45 -24.58
N TYR D 160 14.90 -11.71 -25.67
CA TYR D 160 13.93 -12.08 -26.68
C TYR D 160 14.35 -13.23 -27.57
N LYS D 161 15.62 -13.66 -27.53
CA LYS D 161 16.13 -14.78 -28.31
C LYS D 161 15.73 -14.66 -29.78
N ASP D 162 15.10 -15.71 -30.33
CA ASP D 162 14.64 -15.73 -31.73
C ASP D 162 13.39 -14.84 -31.95
N THR D 163 12.50 -14.72 -30.92
CA THR D 163 11.29 -13.88 -30.89
C THR D 163 11.61 -12.41 -31.29
N GLU D 164 10.70 -11.76 -32.07
CA GLU D 164 10.91 -10.39 -32.49
C GLU D 164 10.75 -9.45 -31.28
N PRO D 165 11.81 -8.69 -30.90
CA PRO D 165 11.66 -7.78 -29.76
C PRO D 165 10.77 -6.56 -30.04
N PRO D 166 10.14 -5.92 -29.02
CA PRO D 166 9.27 -4.76 -29.29
C PRO D 166 10.04 -3.42 -29.39
N ILE D 167 11.35 -3.45 -29.11
CA ILE D 167 12.29 -2.32 -29.21
C ILE D 167 13.60 -2.90 -29.81
N PRO D 168 14.51 -2.09 -30.44
CA PRO D 168 15.74 -2.69 -31.05
C PRO D 168 16.48 -3.71 -30.19
N GLY D 169 16.68 -4.91 -30.74
CA GLY D 169 17.37 -6.02 -30.08
C GLY D 169 18.84 -5.79 -29.73
N ASP D 170 19.50 -4.89 -30.45
CA ASP D 170 20.89 -4.55 -30.19
C ASP D 170 21.04 -3.70 -28.89
N LEU D 171 19.96 -3.03 -28.45
CA LEU D 171 19.92 -2.16 -27.30
C LEU D 171 20.30 -2.89 -26.04
N THR D 172 20.85 -2.16 -25.04
CA THR D 172 21.18 -2.73 -23.73
C THR D 172 19.87 -2.89 -22.94
N ALA D 173 19.56 -4.14 -22.55
CA ALA D 173 18.39 -4.46 -21.76
C ALA D 173 18.74 -4.26 -20.30
N ALA D 174 19.83 -4.91 -19.85
CA ALA D 174 20.27 -4.84 -18.47
C ALA D 174 21.80 -4.76 -18.33
N ASN D 175 22.24 -3.64 -17.76
CA ASN D 175 23.63 -3.36 -17.45
C ASN D 175 24.09 -4.32 -16.34
N PHE D 176 25.21 -5.03 -16.58
CA PHE D 176 25.76 -6.06 -15.68
C PHE D 176 24.86 -7.30 -15.71
N GLY D 177 23.77 -7.27 -16.51
CA GLY D 177 22.79 -8.34 -16.63
C GLY D 177 23.33 -9.70 -17.06
N HIS D 178 24.44 -9.70 -17.81
CA HIS D 178 25.08 -10.90 -18.32
C HIS D 178 26.04 -11.53 -17.32
N VAL D 179 26.50 -10.78 -16.32
CA VAL D 179 27.48 -11.22 -15.31
C VAL D 179 27.16 -12.64 -14.76
N LEU D 180 25.90 -12.93 -14.41
CA LEU D 180 25.55 -14.24 -13.86
C LEU D 180 25.45 -15.39 -14.90
N HIS D 181 25.58 -15.07 -16.22
CA HIS D 181 25.59 -16.03 -17.32
C HIS D 181 27.04 -16.38 -17.72
N HIS D 182 27.99 -15.61 -17.17
CA HIS D 182 29.42 -15.70 -17.46
C HIS D 182 30.27 -15.88 -16.20
N LEU D 183 29.73 -16.57 -15.18
CA LEU D 183 30.40 -16.82 -13.89
C LEU D 183 31.71 -17.59 -14.03
N ASP D 184 31.79 -18.46 -15.05
CA ASP D 184 32.92 -19.34 -15.31
C ASP D 184 33.87 -18.72 -16.35
N ALA D 185 34.17 -17.41 -16.15
CA ALA D 185 35.03 -16.59 -17.01
C ALA D 185 35.79 -15.51 -16.24
N ASP D 186 36.65 -14.74 -16.94
CA ASP D 186 37.49 -13.71 -16.34
C ASP D 186 36.88 -12.29 -16.40
N PHE D 187 36.26 -11.79 -15.29
CA PHE D 187 35.84 -10.39 -15.37
C PHE D 187 37.05 -9.48 -15.18
N THR D 188 37.67 -9.11 -16.31
CA THR D 188 38.85 -8.25 -16.44
C THR D 188 38.54 -6.88 -15.83
N PRO D 189 39.49 -6.22 -15.12
CA PRO D 189 39.21 -4.85 -14.64
C PRO D 189 38.87 -3.85 -15.79
N SER D 190 39.24 -4.17 -17.07
CA SER D 190 38.97 -3.36 -18.27
C SER D 190 37.54 -3.59 -18.78
N ASN D 191 37.13 -4.85 -18.78
CA ASN D 191 35.78 -5.24 -19.18
C ASN D 191 34.79 -4.60 -18.23
N LYS D 192 35.09 -4.69 -16.93
CA LYS D 192 34.30 -4.15 -15.84
C LYS D 192 34.30 -2.63 -15.89
N LEU D 193 35.46 -2.01 -16.14
CA LEU D 193 35.54 -0.55 -16.19
C LEU D 193 34.80 0.08 -17.37
N ALA D 194 34.74 -0.65 -18.50
CA ALA D 194 34.04 -0.20 -19.69
C ALA D 194 32.53 -0.20 -19.38
N ALA D 195 32.08 -1.21 -18.60
CA ALA D 195 30.69 -1.45 -18.18
C ALA D 195 30.08 -0.39 -17.24
N VAL D 196 30.94 0.27 -16.42
CA VAL D 196 30.67 1.39 -15.51
C VAL D 196 30.39 2.62 -16.35
N ILE D 197 31.33 2.94 -17.27
CA ILE D 197 31.27 4.06 -18.20
C ILE D 197 30.07 3.92 -19.15
N GLY D 198 29.84 2.68 -19.61
CA GLY D 198 28.68 2.32 -20.44
C GLY D 198 27.35 2.67 -19.79
N VAL D 199 27.11 2.18 -18.56
CA VAL D 199 25.90 2.47 -17.79
C VAL D 199 25.78 3.97 -17.47
N VAL D 200 26.87 4.64 -17.03
CA VAL D 200 26.87 6.09 -16.75
C VAL D 200 26.45 6.85 -18.03
N GLY D 201 27.06 6.49 -19.17
CA GLY D 201 26.78 7.07 -20.48
C GLY D 201 25.34 6.90 -20.90
N GLU D 202 24.86 5.65 -20.86
CA GLU D 202 23.49 5.26 -21.22
C GLU D 202 22.44 5.93 -20.33
N VAL D 203 22.74 6.19 -19.04
CA VAL D 203 21.79 6.86 -18.13
C VAL D 203 21.75 8.34 -18.47
N VAL D 204 22.91 8.99 -18.61
CA VAL D 204 22.96 10.40 -18.96
C VAL D 204 22.25 10.65 -20.28
N THR D 205 22.56 9.83 -21.32
CA THR D 205 21.94 9.99 -22.65
C THR D 205 20.42 9.76 -22.62
N THR D 206 19.94 8.70 -21.92
CA THR D 206 18.51 8.41 -21.79
C THR D 206 17.77 9.59 -21.16
N MET D 207 18.32 10.12 -20.06
CA MET D 207 17.76 11.29 -19.37
C MET D 207 17.77 12.52 -20.29
N ALA D 208 18.93 12.75 -20.96
CA ALA D 208 19.12 13.87 -21.89
C ALA D 208 18.15 13.83 -23.09
N ILE D 209 17.98 12.64 -23.72
CA ILE D 209 17.06 12.47 -24.85
C ILE D 209 15.60 12.60 -24.40
N THR D 210 15.30 12.25 -23.12
CA THR D 210 13.93 12.36 -22.60
C THR D 210 13.50 13.82 -22.48
N VAL D 211 14.34 14.67 -21.84
CA VAL D 211 14.03 16.08 -21.69
C VAL D 211 14.12 16.81 -23.03
N ALA D 212 15.00 16.36 -23.96
CA ALA D 212 15.07 16.93 -25.31
C ALA D 212 13.72 16.78 -26.00
N ARG D 213 13.07 15.61 -25.80
CA ARG D 213 11.73 15.33 -26.32
C ARG D 213 10.70 16.20 -25.62
N GLU D 214 10.77 16.27 -24.29
CA GLU D 214 9.89 17.06 -23.42
C GLU D 214 9.86 18.56 -23.79
N PHE D 215 11.03 19.16 -24.04
CA PHE D 215 11.08 20.61 -24.34
C PHE D 215 11.24 20.85 -25.84
N LYS D 216 10.76 19.86 -26.62
CA LYS D 216 10.69 19.80 -28.08
C LYS D 216 11.92 20.43 -28.74
N THR D 217 13.07 19.75 -28.59
CA THR D 217 14.37 20.15 -29.12
C THR D 217 15.17 18.93 -29.52
N GLU D 218 15.95 19.07 -30.58
CA GLU D 218 16.78 17.99 -31.08
C GLU D 218 18.24 18.17 -30.75
N ASN D 219 18.63 19.36 -30.25
CA ASN D 219 20.02 19.64 -29.90
C ASN D 219 20.38 19.31 -28.46
N ILE D 220 21.42 18.49 -28.27
CA ILE D 220 21.91 18.13 -26.94
C ILE D 220 23.42 18.43 -26.87
N VAL D 221 23.80 19.35 -25.97
CA VAL D 221 25.18 19.75 -25.79
C VAL D 221 25.70 19.12 -24.51
N TYR D 222 26.78 18.36 -24.61
CA TYR D 222 27.38 17.65 -23.49
C TYR D 222 28.63 18.34 -22.98
N ILE D 223 28.66 18.71 -21.68
CA ILE D 223 29.81 19.41 -21.08
C ILE D 223 30.24 18.71 -19.78
N GLY D 224 31.34 19.16 -19.18
CA GLY D 224 31.89 18.61 -17.95
C GLY D 224 33.19 17.85 -18.15
N SER D 225 33.99 17.74 -17.08
CA SER D 225 35.28 17.06 -17.12
C SER D 225 35.22 15.55 -17.31
N SER D 226 34.04 14.94 -17.07
CA SER D 226 33.84 13.49 -17.20
C SER D 226 34.21 13.03 -18.60
N PHE D 227 34.20 13.97 -19.57
CA PHE D 227 34.53 13.70 -20.98
C PHE D 227 36.04 13.74 -21.27
N HIS D 228 36.84 14.44 -20.40
CA HIS D 228 38.30 14.55 -20.51
C HIS D 228 38.93 13.17 -20.31
N ASN D 229 39.78 12.75 -21.25
CA ASN D 229 40.49 11.44 -21.28
C ASN D 229 39.53 10.21 -21.35
N ASN D 230 38.22 10.43 -21.47
CA ASN D 230 37.26 9.33 -21.61
C ASN D 230 36.54 9.38 -22.97
N ALA D 231 37.26 8.95 -24.03
CA ALA D 231 36.77 8.87 -25.41
C ALA D 231 35.63 7.83 -25.55
N LEU D 232 35.72 6.71 -24.77
CA LEU D 232 34.71 5.68 -24.73
C LEU D 232 33.36 6.27 -24.29
N LEU D 233 33.30 7.02 -23.15
CA LEU D 233 32.08 7.71 -22.68
C LEU D 233 31.50 8.62 -23.77
N ARG D 234 32.37 9.41 -24.41
CA ARG D 234 31.99 10.30 -25.51
C ARG D 234 31.29 9.51 -26.62
N LYS D 235 31.87 8.38 -27.11
CA LYS D 235 31.24 7.56 -28.16
C LYS D 235 29.93 6.92 -27.67
N VAL D 236 29.92 6.41 -26.41
CA VAL D 236 28.75 5.79 -25.80
C VAL D 236 27.57 6.77 -25.90
N VAL D 237 27.80 8.01 -25.43
CA VAL D 237 26.85 9.12 -25.38
C VAL D 237 26.44 9.52 -26.79
N GLU D 238 27.44 9.86 -27.62
CA GLU D 238 27.29 10.32 -28.99
C GLU D 238 26.41 9.39 -29.84
N ASP D 239 26.76 8.06 -29.84
CA ASP D 239 26.06 7.01 -30.61
C ASP D 239 24.60 6.84 -30.20
N TYR D 240 24.33 6.89 -28.88
CA TYR D 240 22.96 6.73 -28.41
C TYR D 240 22.11 7.95 -28.75
N THR D 241 22.65 9.19 -28.55
CA THR D 241 21.95 10.47 -28.87
C THR D 241 21.42 10.44 -30.29
N VAL D 242 22.30 10.11 -31.24
CA VAL D 242 22.00 9.94 -32.66
C VAL D 242 20.83 8.91 -32.85
N LEU D 243 21.00 7.69 -32.33
CA LEU D 243 20.02 6.61 -32.37
C LEU D 243 18.64 7.02 -31.86
N ARG D 244 18.61 7.95 -30.88
CA ARG D 244 17.39 8.50 -30.27
C ARG D 244 16.90 9.76 -31.00
N GLY D 245 17.33 9.94 -32.24
CA GLY D 245 16.92 11.04 -33.09
C GLY D 245 17.30 12.42 -32.57
N CYS D 246 18.50 12.56 -31.98
CA CYS D 246 18.98 13.86 -31.52
C CYS D 246 20.36 14.18 -32.04
N LYS D 247 20.68 15.48 -32.04
CA LYS D 247 21.95 15.99 -32.51
C LYS D 247 22.89 16.21 -31.33
N PRO D 248 23.91 15.34 -31.16
CA PRO D 248 24.86 15.53 -30.04
C PRO D 248 25.88 16.63 -30.38
N TYR D 249 26.34 17.36 -29.34
CA TYR D 249 27.34 18.43 -29.48
C TYR D 249 28.34 18.39 -28.36
N TYR D 250 29.61 18.54 -28.71
CA TYR D 250 30.71 18.62 -27.76
C TYR D 250 31.45 19.92 -28.01
N VAL D 251 31.45 20.81 -27.02
CA VAL D 251 32.14 22.07 -27.15
C VAL D 251 33.59 21.97 -26.58
N GLU D 252 34.59 22.58 -27.28
CA GLU D 252 36.00 22.63 -26.84
C GLU D 252 36.06 23.51 -25.58
N ASN D 253 36.72 22.99 -24.51
CA ASN D 253 36.81 23.62 -23.19
C ASN D 253 35.40 23.81 -22.57
N GLY D 254 34.50 22.88 -22.90
CA GLY D 254 33.13 22.87 -22.42
C GLY D 254 33.02 22.73 -20.91
N ALA D 255 34.01 22.04 -20.28
CA ALA D 255 34.07 21.87 -18.83
C ALA D 255 34.41 23.19 -18.11
N PHE D 256 34.80 24.23 -18.89
CA PHE D 256 35.18 25.54 -18.39
C PHE D 256 34.05 26.59 -18.50
N SER D 257 32.84 26.14 -18.96
CA SER D 257 31.63 26.95 -19.18
C SER D 257 31.26 27.84 -18.01
N GLY D 258 31.27 27.28 -16.80
CA GLY D 258 30.95 27.98 -15.57
C GLY D 258 31.99 29.02 -15.20
N ALA D 259 33.29 28.65 -15.35
CA ALA D 259 34.40 29.54 -15.07
C ALA D 259 34.40 30.72 -16.05
N ILE D 260 34.12 30.44 -17.36
CA ILE D 260 33.97 31.45 -18.42
C ILE D 260 32.75 32.32 -18.11
N GLY D 261 31.61 31.65 -17.86
CA GLY D 261 30.32 32.25 -17.54
C GLY D 261 30.33 33.22 -16.37
N ALA D 262 31.10 32.89 -15.29
CA ALA D 262 31.27 33.73 -14.11
C ALA D 262 31.84 35.11 -14.49
N LEU D 263 32.87 35.14 -15.37
CA LEU D 263 33.49 36.38 -15.85
C LEU D 263 32.55 37.26 -16.64
N TYR D 264 31.79 36.67 -17.55
CA TYR D 264 30.87 37.40 -18.41
C TYR D 264 29.47 37.61 -17.77
N LEU D 265 29.45 37.90 -16.46
CA LEU D 265 28.24 38.19 -15.69
C LEU D 265 28.51 39.28 -14.62
PB ADP E . -10.98 -18.92 5.76
O1B ADP E . -11.36 -19.75 4.50
O2B ADP E . -9.63 -19.48 6.24
O3B ADP E . -12.00 -18.88 6.85
PA ADP E . -10.21 -16.90 3.85
O1A ADP E . -10.00 -18.02 2.91
O2A ADP E . -8.94 -16.04 4.00
O3A ADP E . -10.67 -17.44 5.27
O5' ADP E . -11.42 -15.97 3.45
C5' ADP E . -12.70 -16.49 3.03
C4' ADP E . -13.44 -15.41 2.28
O4' ADP E . -12.65 -14.99 1.16
C3' ADP E . -14.77 -15.82 1.67
O3' ADP E . -15.83 -15.90 2.60
C2' ADP E . -14.96 -14.74 0.59
O2' ADP E . -15.47 -13.51 1.06
C1' ADP E . -13.51 -14.52 0.13
N9 ADP E . -13.12 -15.12 -1.15
C8 ADP E . -12.06 -14.73 -1.91
N7 ADP E . -11.98 -15.33 -3.08
C5 ADP E . -13.06 -16.19 -3.07
C6 ADP E . -13.55 -17.12 -4.02
N6 ADP E . -13.02 -17.27 -5.23
N1 ADP E . -14.63 -17.85 -3.69
C2 ADP E . -15.20 -17.66 -2.50
N3 ADP E . -14.85 -16.81 -1.53
C4 ADP E . -13.77 -16.09 -1.88
CAP 27Q F . -11.97 -19.94 11.87
CAW 27Q F . -12.06 -19.08 13.14
CAB 27Q F . -10.71 -19.16 13.85
CAC 27Q F . -13.09 -19.70 14.09
CAV 27Q F . -12.39 -17.57 12.79
OAG 27Q F . -13.33 -17.40 11.71
CAU 27Q F . -12.87 -16.76 14.01
OAE 27Q F . -12.04 -16.43 14.86
NAR 27Q F . -14.17 -16.44 14.06
CAN 27Q F . -14.76 -15.62 15.15
CAO 27Q F . -15.37 -16.46 16.23
CAT 27Q F . -15.78 -15.54 17.39
OAD 27Q F . -14.90 -14.93 18.00
NAQ 27Q F . -17.13 -15.50 17.69
CAM 27Q F . -17.71 -14.66 18.78
CAL 27Q F . -19.21 -14.35 18.56
CAK 27Q F . -20.06 -14.80 19.77
CAJ 27Q F . -21.04 -15.95 19.40
CAA 27Q F . -21.45 -16.90 20.57
CAY 27Q F . -22.53 -16.31 21.52
CAZ 27Q F . -23.93 -16.31 20.87
H12 27Q F . -14.14 -17.96 11.83
H13 27Q F . -14.83 -16.67 13.36
H18 27Q F . -17.80 -16.04 17.17
PB ADP G . 12.04 -10.20 -16.13
O1B ADP G . 12.60 -9.33 -17.28
O2B ADP G . 10.86 -11.06 -16.51
O3B ADP G . 13.05 -11.14 -15.49
PA ADP G . 11.05 -9.72 -13.48
O1A ADP G . 10.69 -11.15 -13.45
O2A ADP G . 9.87 -8.81 -13.14
O3A ADP G . 11.50 -9.29 -14.94
O5' ADP G . 12.24 -9.33 -12.53
C5' ADP G . 13.47 -10.09 -12.48
C4' ADP G . 14.38 -9.49 -11.45
O4' ADP G . 13.75 -9.58 -10.15
C3' ADP G . 15.74 -10.18 -11.31
O3' ADP G . 16.73 -9.68 -12.18
C2' ADP G . 16.07 -9.95 -9.83
O2' ADP G . 16.69 -8.70 -9.58
C1' ADP G . 14.69 -9.99 -9.17
N9 ADP G . 14.27 -11.28 -8.63
C8 ADP G . 13.12 -11.47 -7.89
N7 ADP G . 12.99 -12.69 -7.41
C5 ADP G . 14.11 -13.35 -7.88
C6 ADP G . 14.57 -14.68 -7.72
N6 ADP G . 13.99 -15.58 -6.92
N1 ADP G . 15.69 -15.04 -8.38
C2 ADP G . 16.34 -14.12 -9.11
N3 ADP G . 16.04 -12.84 -9.29
C4 ADP G . 14.90 -12.50 -8.65
CAP 27Q H . 12.91 -6.85 -21.89
CAW 27Q H . 12.65 -5.33 -22.07
CAB 27Q H . 11.14 -5.15 -22.01
CAC 27Q H . 13.10 -4.90 -23.47
CAV 27Q H . 13.31 -4.47 -20.90
OAG 27Q H . 14.54 -5.01 -20.42
CAU 27Q H . 13.51 -2.98 -21.26
OAE 27Q H . 12.53 -2.28 -21.51
NAR 27Q H . 14.79 -2.53 -21.20
CAN 27Q H . 15.16 -1.13 -21.50
CAO 27Q H . 16.04 -1.13 -22.74
CAT 27Q H . 16.34 0.31 -23.19
OAD 27Q H . 15.45 1.01 -23.68
NAQ 27Q H . 17.64 0.67 -23.08
CAM 27Q H . 18.13 2.02 -23.47
CAL 27Q H . 19.55 2.36 -22.99
CAK 27Q H . 20.60 1.46 -23.68
CAJ 27Q H . 21.17 2.13 -24.94
CAA 27Q H . 22.18 1.19 -25.60
CAY 27Q H . 22.80 1.87 -26.80
CAZ 27Q H . 22.68 0.90 -27.97
H12 27Q H . 15.16 -5.23 -21.17
H13 27Q H . 15.57 -3.11 -20.95
H18 27Q H . 18.33 0.04 -22.69
PB ADP I . -33.32 6.26 19.92
O1B ADP I . -32.12 6.51 19.04
O2B ADP I . -33.23 7.04 21.27
O3B ADP I . -34.68 6.50 19.26
PA ADP I . -34.23 3.73 21.14
O1A ADP I . -35.59 4.29 21.30
O2A ADP I . -33.60 3.43 22.53
O3A ADP I . -33.29 4.72 20.32
O5' ADP I . -34.15 2.47 20.15
C5' ADP I . -34.72 2.42 18.82
C4' ADP I . -35.00 0.97 18.55
O4' ADP I . -35.95 0.47 19.52
C3' ADP I . -35.64 0.65 17.21
O3' ADP I . -34.66 0.63 16.20
C2' ADP I . -36.28 -0.71 17.49
O2' ADP I . -35.29 -1.74 17.47
C1' ADP I . -36.71 -0.58 18.95
N9 ADP I . -38.14 -0.37 19.27
C8 ADP I . -38.74 -0.75 20.44
N7 ADP I . -40.03 -0.50 20.48
C5 ADP I . -40.30 0.06 19.25
C6 ADP I . -41.48 0.59 18.67
N6 ADP I . -42.67 0.57 19.28
N1 ADP I . -41.39 1.16 17.45
C2 ADP I . -40.18 1.21 16.85
N3 ADP I . -39.02 0.75 17.29
C4 ADP I . -39.14 0.18 18.50
CAP 27Q J . -27.74 8.42 19.15
CAW 27Q J . -26.33 8.20 18.59
CAB 27Q J . -25.42 8.93 19.58
CAC 27Q J . -26.18 8.92 17.25
CAV 27Q J . -26.05 6.61 18.49
OAG 27Q J . -26.96 5.95 17.55
CAU 27Q J . -24.61 6.21 18.12
OAE 27Q J . -23.67 6.79 18.65
NAR 27Q J . -24.47 5.16 17.26
CAN 27Q J . -23.18 4.58 16.83
CAO 27Q J . -22.31 5.60 16.13
CAT 27Q J . -20.88 5.09 16.06
OAD 27Q J . -20.14 5.10 17.06
NAQ 27Q J . -20.52 4.70 14.83
CAM 27Q J . -19.19 4.15 14.51
CAL 27Q J . -19.38 3.00 13.53
CAK 27Q J . -18.42 3.16 12.36
CAJ 27Q J . -19.02 4.05 11.29
CAA 27Q J . -17.91 4.44 10.33
CAY 27Q J . -18.45 4.67 8.93
CAZ 27Q J . -17.28 4.65 7.95
H12 27Q J . -26.82 6.24 16.61
H13 27Q J . -25.25 4.68 16.87
H18 27Q J . -21.15 4.73 14.04
PB ADP K . 32.61 19.26 -10.63
O1B ADP K . 32.31 20.66 -11.15
O2B ADP K . 31.59 18.78 -9.56
O3B ADP K . 34.05 19.18 -10.11
PA ADP K . 33.69 18.27 -13.15
O1A ADP K . 33.11 18.80 -14.48
O2A ADP K . 34.94 18.99 -12.79
O3A ADP K . 32.62 18.42 -11.98
O5' ADP K . 33.93 16.70 -13.33
C5' ADP K . 34.39 15.83 -12.27
C4' ADP K . 34.59 14.45 -12.83
O4' ADP K . 35.44 14.53 -14.01
C3' ADP K . 35.30 13.50 -11.89
O3' ADP K . 34.42 12.88 -10.96
C2' ADP K . 36.02 12.54 -12.86
O2' ADP K . 35.21 11.47 -13.34
C1' ADP K . 36.36 13.46 -14.04
N9 ADP K . 37.73 13.98 -14.14
C8 ADP K . 38.26 14.51 -15.29
N7 ADP K . 39.53 14.83 -15.19
C5 ADP K . 39.85 14.51 -13.88
C6 ADP K . 41.04 14.65 -13.13
N6 ADP K . 42.20 15.06 -13.64
N1 ADP K . 41.01 14.29 -11.83
C2 ADP K . 39.87 13.81 -11.32
N3 ADP K . 38.70 13.62 -11.92
C4 ADP K . 38.75 14.00 -13.21
CAP 27Q L . 26.88 19.53 -8.44
CAW 27Q L . 25.38 19.30 -8.64
CAB 27Q L . 24.81 20.61 -9.19
CAC 27Q L . 24.75 19.06 -7.26
CAV 27Q L . 25.14 18.08 -9.61
OAG 27Q L . 26.00 16.97 -9.32
CAU 27Q L . 23.66 17.64 -9.72
OAE 27Q L . 22.84 18.48 -10.09
NAR 27Q L . 23.35 16.33 -9.44
CAN 27Q L . 21.99 15.77 -9.58
CAO 27Q L . 21.22 15.74 -8.26
CAT 27Q L . 19.84 15.09 -8.48
OAD 27Q L . 18.82 15.78 -8.61
NAQ 27Q L . 19.84 13.73 -8.53
CAM 27Q L . 18.63 12.91 -8.73
CAL 27Q L . 18.54 11.80 -7.67
CAK 27Q L . 18.64 12.36 -6.24
CAJ 27Q L . 17.58 11.67 -5.39
CAA 27Q L . 18.13 11.11 -4.07
CAY 27Q L . 17.16 10.02 -3.57
CAZ 27Q L . 16.18 10.55 -2.52
H12 27Q L . 25.88 16.62 -8.39
H13 27Q L . 24.03 15.65 -9.19
H18 27Q L . 20.69 13.20 -8.43
#